data_4OAA
#
_entry.id   4OAA
#
_cell.length_a   101.560
_cell.length_b   121.940
_cell.length_c   264.010
_cell.angle_alpha   90.00
_cell.angle_beta   90.00
_cell.angle_gamma   90.00
#
_symmetry.space_group_name_H-M   'C 2 2 21'
#
loop_
_entity.id
_entity.type
_entity.pdbx_description
1 polymer 'Lactose/galactose transporter'
2 branched beta-D-galactopyranose-(1-1)-1-thio-beta-D-galactopyranose
#
_entity_poly.entity_id   1
_entity_poly.type   'polypeptide(L)'
_entity_poly.pdbx_seq_one_letter_code
;MYYLKNTNFWMFGLFFFFYFFIMGAYFPFFPIWLHDINHISKSDTWIIFAAISLFSLLFQPLFGLLSDKLGLRKYLLWII
TGMLVMFAPFFIFIFGPLLQYNILVGSIVGGIYLGFCFNAGAPAVEAFIEKVSRRSNFEFGRARMFGCVGWALCASIVGI
MFTINNQFVFWLGSGCALILAVLLFFAKTDAPSSATVANAVGANHSAFSLKLALELFRQPKLWFLSLYVIGVSCTYDVFD
QQFANFFTSFFATGEQGTRVFWYVTTMGELLNASIMFFAPLIINRIGGKNALLLAGTIMSVRIIGSSFATSALEVVILKT
LHMFEVPFLLVGCFKYITSQFEVRFSATIYLVCFCFFKQLAMIFMSVLAGNMYESIGFQGAYLVLGLVALGFTLISVFTL
SGPGPLSLLRRQVNEVA
;
_entity_poly.pdbx_strand_id   A,B
#
loop_
_chem_comp.id
_chem_comp.type
_chem_comp.name
_chem_comp.formula
GAL D-saccharide, beta linking beta-D-galactopyranose 'C6 H12 O6'
YIO D-saccharide, beta linking 1-thio-beta-D-galactopyranose 'C6 H12 O5 S'
#
# COMPACT_ATOMS: atom_id res chain seq x y z
N LEU A 4 13.85 18.00 -25.41
CA LEU A 4 14.83 16.99 -25.81
C LEU A 4 14.12 15.69 -26.17
N LYS A 5 14.41 15.15 -27.34
CA LYS A 5 13.72 13.97 -27.87
C LYS A 5 14.07 12.67 -27.11
N ASN A 6 15.10 12.74 -26.27
CA ASN A 6 15.55 11.59 -25.48
C ASN A 6 14.42 10.98 -24.64
N THR A 7 14.10 9.71 -24.91
CA THR A 7 12.97 9.05 -24.28
C THR A 7 13.17 8.87 -22.78
N ASN A 8 14.25 8.21 -22.39
CA ASN A 8 14.49 7.87 -20.99
C ASN A 8 14.71 9.09 -20.09
N PHE A 9 15.20 10.18 -20.68
CA PHE A 9 15.35 11.44 -19.94
C PHE A 9 14.00 11.89 -19.36
N TRP A 10 12.99 12.04 -20.22
CA TRP A 10 11.66 12.44 -19.79
C TRP A 10 10.97 11.45 -18.84
N MET A 11 11.28 10.17 -18.99
CA MET A 11 10.72 9.16 -18.10
C MET A 11 11.30 9.32 -16.71
N PHE A 12 12.61 9.18 -16.61
CA PHE A 12 13.31 9.31 -15.34
C PHE A 12 13.30 10.75 -14.82
N GLY A 13 13.08 11.71 -15.71
CA GLY A 13 13.00 13.10 -15.31
C GLY A 13 11.74 13.30 -14.49
N LEU A 14 10.62 12.85 -15.05
CA LEU A 14 9.35 12.86 -14.33
C LEU A 14 9.38 11.91 -13.15
N PHE A 15 10.06 10.78 -13.30
CA PHE A 15 10.16 9.80 -12.23
C PHE A 15 10.69 10.45 -10.97
N PHE A 16 11.70 11.29 -11.14
CA PHE A 16 12.22 12.06 -10.02
C PHE A 16 11.14 12.98 -9.48
N PHE A 17 10.49 13.73 -10.39
CA PHE A 17 9.48 14.70 -10.00
C PHE A 17 8.47 14.14 -8.99
N PHE A 18 8.01 12.93 -9.25
CA PHE A 18 6.99 12.31 -8.41
C PHE A 18 7.57 11.70 -7.14
N TYR A 19 8.76 11.10 -7.24
CA TYR A 19 9.39 10.49 -6.07
C TYR A 19 9.81 11.52 -5.02
N PHE A 20 10.08 12.75 -5.45
CA PHE A 20 10.46 13.80 -4.52
C PHE A 20 9.25 14.64 -4.13
N PHE A 21 8.15 14.50 -4.89
CA PHE A 21 6.86 15.00 -4.45
C PHE A 21 6.39 14.21 -3.24
N ILE A 22 6.67 12.91 -3.23
CA ILE A 22 6.23 12.05 -2.13
C ILE A 22 7.18 12.10 -0.93
N MET A 23 8.44 12.46 -1.15
CA MET A 23 9.36 12.62 -0.02
C MET A 23 9.15 13.97 0.62
N GLY A 24 9.06 15.00 -0.21
CA GLY A 24 8.93 16.37 0.29
C GLY A 24 7.69 16.58 1.14
N ALA A 25 6.68 15.71 0.96
CA ALA A 25 5.45 15.76 1.74
C ALA A 25 5.53 14.97 3.05
N TYR A 26 6.73 14.54 3.43
CA TYR A 26 6.95 13.81 4.69
C TYR A 26 8.19 14.33 5.44
N PHE A 27 9.32 14.44 4.74
CA PHE A 27 10.61 14.68 5.42
C PHE A 27 10.70 16.04 6.14
N PRO A 28 10.47 17.15 5.42
CA PRO A 28 10.57 18.44 6.12
C PRO A 28 9.48 18.71 7.17
N PHE A 29 8.31 18.08 7.02
CA PHE A 29 7.19 18.30 7.92
C PHE A 29 7.14 17.27 9.04
N PHE A 30 8.15 16.42 9.12
CA PHE A 30 8.10 15.27 10.00
C PHE A 30 7.91 15.66 11.47
N PRO A 31 8.76 16.56 12.00
CA PRO A 31 8.64 16.89 13.43
C PRO A 31 7.34 17.61 13.76
N ILE A 32 6.80 18.38 12.83
CA ILE A 32 5.50 19.03 13.01
C ILE A 32 4.41 17.96 13.05
N TRP A 33 4.56 16.95 12.19
CA TRP A 33 3.64 15.83 12.17
C TRP A 33 3.70 15.00 13.47
N LEU A 34 4.81 15.14 14.20
CA LEU A 34 4.96 14.47 15.50
C LEU A 34 4.41 15.32 16.65
N HIS A 35 5.03 16.46 16.91
CA HIS A 35 4.72 17.26 18.09
C HIS A 35 3.28 17.78 18.14
N ASP A 36 2.75 18.19 16.98
CA ASP A 36 1.43 18.81 16.92
C ASP A 36 0.31 17.79 16.72
N ILE A 37 0.39 17.01 15.64
CA ILE A 37 -0.67 16.07 15.28
C ILE A 37 -0.79 14.95 16.32
N ASN A 38 0.29 14.19 16.50
CA ASN A 38 0.29 13.05 17.41
C ASN A 38 0.51 13.42 18.88
N HIS A 39 0.76 14.70 19.17
CA HIS A 39 0.90 15.18 20.53
C HIS A 39 2.03 14.43 21.27
N ILE A 40 3.19 14.33 20.64
CA ILE A 40 4.31 13.61 21.22
C ILE A 40 5.28 14.63 21.82
N SER A 41 5.98 14.23 22.87
CA SER A 41 6.91 15.13 23.57
C SER A 41 8.11 15.52 22.71
N LYS A 42 9.01 16.32 23.31
CA LYS A 42 10.22 16.79 22.65
C LYS A 42 11.47 15.99 23.05
N SER A 43 11.38 15.26 24.16
CA SER A 43 12.49 14.43 24.64
C SER A 43 12.47 13.04 23.99
N ASP A 44 11.26 12.55 23.69
CA ASP A 44 11.09 11.25 23.02
C ASP A 44 10.86 11.43 21.51
N THR A 45 11.42 12.50 20.95
CA THR A 45 11.58 12.64 19.51
C THR A 45 12.82 11.86 19.11
N TRP A 46 13.86 11.97 19.92
CA TRP A 46 15.13 11.29 19.68
C TRP A 46 15.11 9.80 20.12
N ILE A 47 13.96 9.16 19.99
CA ILE A 47 13.87 7.70 19.93
C ILE A 47 13.48 7.22 18.53
N ILE A 48 12.86 8.11 17.76
CA ILE A 48 12.45 7.79 16.39
C ILE A 48 13.63 7.96 15.45
N PHE A 49 14.29 9.10 15.56
CA PHE A 49 15.43 9.41 14.70
C PHE A 49 16.67 8.61 15.11
N ALA A 50 16.63 8.02 16.30
CA ALA A 50 17.70 7.15 16.78
C ALA A 50 17.41 5.66 16.49
N ALA A 51 16.45 5.41 15.59
CA ALA A 51 16.11 4.06 15.15
C ALA A 51 16.08 3.99 13.62
N ILE A 52 15.41 4.95 13.01
CA ILE A 52 15.44 5.12 11.55
C ILE A 52 16.89 5.08 11.08
N SER A 53 17.74 5.85 11.75
CA SER A 53 19.16 5.93 11.41
C SER A 53 19.83 4.57 11.59
N LEU A 54 19.49 3.88 12.67
CA LEU A 54 20.06 2.57 12.97
C LEU A 54 19.84 1.58 11.81
N PHE A 55 18.59 1.44 11.41
CA PHE A 55 18.23 0.53 10.32
C PHE A 55 18.73 1.04 8.97
N SER A 56 18.87 2.36 8.86
CA SER A 56 19.41 2.96 7.65
C SER A 56 20.89 2.63 7.52
N LEU A 57 21.60 2.54 8.64
CA LEU A 57 23.00 2.15 8.63
C LEU A 57 23.19 0.72 8.12
N LEU A 58 22.23 -0.15 8.44
CA LEU A 58 22.32 -1.56 8.03
C LEU A 58 21.54 -1.86 6.74
N PHE A 59 20.96 -0.84 6.11
CA PHE A 59 20.35 -0.98 4.79
C PHE A 59 21.24 -0.38 3.70
N GLN A 60 21.77 0.82 3.93
CA GLN A 60 22.55 1.52 2.91
C GLN A 60 23.74 0.72 2.34
N PRO A 61 24.43 -0.06 3.19
CA PRO A 61 25.47 -0.98 2.70
C PRO A 61 24.86 -2.10 1.87
N LEU A 62 23.85 -2.74 2.45
CA LEU A 62 23.09 -3.81 1.79
C LEU A 62 22.53 -3.32 0.46
N PHE A 63 22.21 -2.02 0.39
CA PHE A 63 21.65 -1.42 -0.83
C PHE A 63 22.72 -1.09 -1.85
N GLY A 64 23.91 -0.73 -1.38
CA GLY A 64 25.01 -0.37 -2.25
C GLY A 64 25.44 -1.53 -3.14
N LEU A 65 25.61 -2.69 -2.51
CA LEU A 65 26.05 -3.88 -3.21
C LEU A 65 25.00 -4.36 -4.20
N LEU A 66 23.78 -4.52 -3.72
CA LEU A 66 22.70 -5.06 -4.54
C LEU A 66 22.21 -4.06 -5.60
N SER A 67 22.65 -2.81 -5.51
CA SER A 67 22.39 -1.83 -6.56
C SER A 67 23.28 -2.13 -7.76
N ASP A 68 24.50 -2.61 -7.49
CA ASP A 68 25.48 -2.89 -8.53
C ASP A 68 25.39 -4.29 -9.11
N LYS A 69 25.01 -5.26 -8.27
CA LYS A 69 24.83 -6.63 -8.75
C LYS A 69 23.72 -6.65 -9.79
N LEU A 70 22.84 -5.66 -9.72
CA LEU A 70 21.74 -5.54 -10.65
C LEU A 70 22.09 -4.68 -11.87
N GLY A 71 22.89 -3.64 -11.65
CA GLY A 71 23.16 -2.68 -12.70
C GLY A 71 21.86 -2.07 -13.16
N LEU A 72 21.59 -2.17 -14.46
CA LEU A 72 20.39 -1.59 -15.03
C LEU A 72 19.14 -2.44 -14.81
N ARG A 73 19.29 -3.63 -14.25
CA ARG A 73 18.13 -4.43 -13.88
C ARG A 73 17.30 -3.64 -12.90
N LYS A 74 16.01 -3.50 -13.20
CA LYS A 74 15.11 -2.61 -12.47
C LYS A 74 14.62 -3.24 -11.15
N TYR A 75 15.17 -4.40 -10.79
CA TYR A 75 14.63 -5.20 -9.69
C TYR A 75 14.50 -4.44 -8.36
N LEU A 76 15.59 -3.88 -7.86
CA LEU A 76 15.58 -3.28 -6.53
C LEU A 76 14.73 -2.01 -6.54
N LEU A 77 14.71 -1.34 -7.67
CA LEU A 77 13.91 -0.13 -7.80
C LEU A 77 12.42 -0.47 -7.83
N TRP A 78 12.09 -1.70 -8.21
CA TRP A 78 10.71 -2.18 -8.14
C TRP A 78 10.26 -2.39 -6.71
N ILE A 79 11.14 -2.97 -5.90
CA ILE A 79 10.83 -3.24 -4.50
C ILE A 79 10.57 -1.92 -3.79
N ILE A 80 11.35 -0.92 -4.15
CA ILE A 80 11.20 0.41 -3.58
C ILE A 80 9.82 0.97 -3.92
N THR A 81 9.54 1.09 -5.22
CA THR A 81 8.27 1.66 -5.67
C THR A 81 7.07 0.84 -5.20
N GLY A 82 7.28 -0.46 -4.98
CA GLY A 82 6.22 -1.34 -4.53
C GLY A 82 5.85 -1.04 -3.10
N MET A 83 6.86 -0.89 -2.26
CA MET A 83 6.66 -0.58 -0.85
C MET A 83 6.18 0.86 -0.62
N LEU A 84 6.43 1.74 -1.58
CA LEU A 84 5.90 3.10 -1.52
C LEU A 84 4.39 3.14 -1.77
N VAL A 85 3.84 2.06 -2.31
CA VAL A 85 2.40 1.99 -2.50
C VAL A 85 1.72 1.87 -1.13
N MET A 86 2.43 1.32 -0.15
CA MET A 86 1.95 1.24 1.24
C MET A 86 2.15 2.55 2.02
N PHE A 87 2.39 3.66 1.32
CA PHE A 87 2.67 4.95 1.96
C PHE A 87 1.48 5.53 2.72
N ALA A 88 0.30 5.55 2.10
CA ALA A 88 -0.86 6.18 2.72
C ALA A 88 -1.37 5.38 3.93
N PRO A 89 -1.55 4.05 3.79
CA PRO A 89 -1.95 3.25 4.95
C PRO A 89 -0.95 3.37 6.09
N PHE A 90 0.31 3.63 5.76
CA PHE A 90 1.35 3.76 6.78
C PHE A 90 1.05 4.92 7.73
N PHE A 91 1.21 6.14 7.25
CA PHE A 91 1.10 7.31 8.11
C PHE A 91 -0.31 7.52 8.68
N ILE A 92 -1.32 6.99 8.01
CA ILE A 92 -2.71 7.20 8.44
C ILE A 92 -3.15 6.19 9.50
N PHE A 93 -3.14 4.91 9.13
CA PHE A 93 -3.76 3.86 9.95
C PHE A 93 -2.77 2.93 10.66
N ILE A 94 -1.47 3.11 10.39
CA ILE A 94 -0.46 2.26 11.01
C ILE A 94 0.49 3.09 11.85
N PHE A 95 1.47 3.72 11.21
CA PHE A 95 2.50 4.47 11.93
C PHE A 95 1.87 5.45 12.91
N GLY A 96 0.81 6.13 12.48
CA GLY A 96 0.09 7.05 13.33
C GLY A 96 -0.48 6.42 14.59
N PRO A 97 -1.59 5.68 14.47
CA PRO A 97 -2.26 5.13 15.65
C PRO A 97 -1.45 4.09 16.43
N LEU A 98 -0.62 3.31 15.74
CA LEU A 98 0.10 2.21 16.37
C LEU A 98 1.13 2.73 17.38
N LEU A 99 1.77 3.85 17.04
CA LEU A 99 2.85 4.37 17.88
C LEU A 99 2.37 4.71 19.28
N GLN A 100 1.16 5.25 19.36
CA GLN A 100 0.59 5.69 20.62
C GLN A 100 0.04 4.48 21.38
N TYR A 101 -0.51 3.52 20.63
CA TYR A 101 -1.11 2.32 21.18
C TYR A 101 -0.16 1.57 22.11
N ASN A 102 0.95 1.07 21.56
CA ASN A 102 1.91 0.28 22.34
C ASN A 102 3.24 0.98 22.54
N ILE A 103 4.10 0.38 23.36
CA ILE A 103 5.44 0.88 23.59
C ILE A 103 6.11 1.28 22.29
N LEU A 104 6.79 2.42 22.34
CA LEU A 104 7.44 3.04 21.20
C LEU A 104 8.33 2.02 20.51
N VAL A 105 9.11 1.30 21.32
CA VAL A 105 10.03 0.27 20.82
C VAL A 105 9.29 -0.68 19.88
N GLY A 106 8.13 -1.17 20.32
CA GLY A 106 7.33 -2.08 19.52
C GLY A 106 6.88 -1.47 18.19
N SER A 107 6.71 -0.15 18.19
CA SER A 107 6.25 0.62 17.03
C SER A 107 7.31 1.57 16.43
N ILE A 108 8.55 1.48 16.92
CA ILE A 108 9.69 2.18 16.33
C ILE A 108 10.23 1.31 15.20
N VAL A 109 10.15 0.00 15.41
CA VAL A 109 10.49 -0.96 14.39
C VAL A 109 9.60 -0.77 13.17
N GLY A 110 8.38 -0.25 13.37
CA GLY A 110 7.52 0.14 12.27
C GLY A 110 8.14 1.26 11.43
N GLY A 111 8.93 2.12 12.07
CA GLY A 111 9.67 3.18 11.41
C GLY A 111 10.94 2.78 10.65
N ILE A 112 11.20 1.48 10.52
CA ILE A 112 12.34 0.99 9.73
C ILE A 112 11.96 0.92 8.26
N TYR A 113 10.69 0.69 8.00
CA TYR A 113 10.13 0.83 6.66
C TYR A 113 10.45 2.21 6.12
N LEU A 114 10.27 3.20 6.98
CA LEU A 114 10.47 4.60 6.65
C LEU A 114 11.92 4.87 6.26
N GLY A 115 12.84 4.10 6.82
CA GLY A 115 14.23 4.15 6.40
C GLY A 115 14.42 3.54 5.03
N PHE A 116 13.92 2.31 4.86
CA PHE A 116 14.07 1.52 3.64
C PHE A 116 13.68 2.25 2.34
N CYS A 117 12.63 3.07 2.42
CA CYS A 117 12.05 3.68 1.22
C CYS A 117 12.51 5.11 0.91
N PHE A 118 12.95 5.85 1.92
CA PHE A 118 13.34 7.26 1.75
C PHE A 118 14.80 7.52 2.07
N ASN A 119 15.20 7.27 3.31
CA ASN A 119 16.59 7.49 3.72
C ASN A 119 17.57 6.62 2.93
N ALA A 120 17.27 5.33 2.84
CA ALA A 120 18.06 4.36 2.08
C ALA A 120 17.45 4.04 0.71
N GLY A 121 16.40 4.78 0.34
CA GLY A 121 15.70 4.55 -0.92
C GLY A 121 16.05 5.62 -1.94
N ALA A 122 15.94 6.89 -1.54
CA ALA A 122 16.21 8.00 -2.45
C ALA A 122 17.61 7.92 -3.08
N PRO A 123 18.65 7.63 -2.29
CA PRO A 123 19.98 7.52 -2.88
C PRO A 123 20.11 6.34 -3.83
N ALA A 124 19.33 5.28 -3.60
CA ALA A 124 19.29 4.15 -4.52
C ALA A 124 18.69 4.58 -5.86
N VAL A 125 17.73 5.50 -5.82
CA VAL A 125 17.11 6.03 -7.03
C VAL A 125 18.07 6.96 -7.76
N GLU A 126 18.95 7.64 -7.03
CA GLU A 126 19.95 8.50 -7.64
C GLU A 126 21.02 7.70 -8.37
N ALA A 127 21.60 6.73 -7.67
CA ALA A 127 22.66 5.88 -8.22
C ALA A 127 22.17 5.19 -9.49
N PHE A 128 20.97 4.62 -9.43
CA PHE A 128 20.37 3.94 -10.56
C PHE A 128 20.28 4.83 -11.80
N ILE A 129 19.70 6.01 -11.64
CA ILE A 129 19.50 6.93 -12.77
C ILE A 129 20.84 7.50 -13.25
N GLU A 130 21.79 7.65 -12.33
CA GLU A 130 23.14 8.09 -12.71
C GLU A 130 23.75 7.10 -13.71
N LYS A 131 23.46 5.81 -13.53
CA LYS A 131 23.97 4.77 -14.44
C LYS A 131 23.31 4.82 -15.82
N VAL A 132 22.10 5.39 -15.87
CA VAL A 132 21.41 5.60 -17.14
C VAL A 132 21.96 6.84 -17.85
N SER A 133 22.44 7.80 -17.07
CA SER A 133 23.00 9.04 -17.60
C SER A 133 24.08 8.86 -18.67
N ARG A 134 24.72 7.69 -18.72
CA ARG A 134 25.75 7.40 -19.76
C ARG A 134 25.26 6.45 -20.86
N ARG A 135 24.35 5.54 -20.53
CA ARG A 135 23.79 4.63 -21.52
C ARG A 135 22.77 5.36 -22.40
N SER A 136 22.17 6.40 -21.85
CA SER A 136 21.34 7.33 -22.59
C SER A 136 22.04 8.69 -22.53
N ASN A 137 21.94 9.46 -23.62
CA ASN A 137 22.70 10.70 -23.72
C ASN A 137 22.03 11.88 -23.05
N PHE A 138 22.27 12.03 -21.74
CA PHE A 138 21.76 13.17 -20.99
C PHE A 138 22.54 13.30 -19.69
N GLU A 139 22.54 14.49 -19.10
CA GLU A 139 23.30 14.75 -17.87
C GLU A 139 22.42 14.54 -16.64
N PHE A 140 22.99 13.91 -15.62
CA PHE A 140 22.26 13.56 -14.40
C PHE A 140 21.58 14.74 -13.71
N GLY A 141 22.20 15.92 -13.80
CA GLY A 141 21.70 17.10 -13.11
C GLY A 141 20.40 17.64 -13.70
N ARG A 142 20.26 17.58 -15.02
CA ARG A 142 19.10 18.14 -15.70
C ARG A 142 17.84 17.28 -15.53
N ALA A 143 18.03 16.04 -15.07
CA ALA A 143 16.91 15.17 -14.71
C ALA A 143 16.52 15.41 -13.25
N ARG A 144 17.53 15.51 -12.40
CA ARG A 144 17.35 15.62 -10.95
C ARG A 144 16.63 16.89 -10.52
N MET A 145 16.76 17.95 -11.33
CA MET A 145 16.10 19.20 -11.03
C MET A 145 14.58 19.04 -10.93
N PHE A 146 14.05 18.02 -11.59
CA PHE A 146 12.63 17.72 -11.46
C PHE A 146 12.25 17.38 -10.02
N GLY A 147 13.16 16.73 -9.30
CA GLY A 147 12.92 16.41 -7.91
C GLY A 147 12.71 17.62 -7.03
N CYS A 148 13.37 18.73 -7.37
CA CYS A 148 13.29 19.97 -6.59
C CYS A 148 11.94 20.67 -6.78
N VAL A 149 11.45 20.68 -8.02
CA VAL A 149 10.12 21.24 -8.31
C VAL A 149 9.03 20.31 -7.77
N GLY A 150 9.25 19.00 -7.85
CA GLY A 150 8.34 18.05 -7.26
C GLY A 150 8.32 18.20 -5.75
N TRP A 151 9.52 18.38 -5.19
CA TRP A 151 9.69 18.58 -3.75
C TRP A 151 8.99 19.85 -3.30
N ALA A 152 9.01 20.86 -4.16
CA ALA A 152 8.37 22.13 -3.90
C ALA A 152 6.84 21.99 -3.97
N LEU A 153 6.35 21.28 -4.98
CA LEU A 153 4.91 21.23 -5.27
C LEU A 153 4.14 20.55 -4.16
N CYS A 154 4.68 19.44 -3.64
CA CYS A 154 4.01 18.75 -2.55
C CYS A 154 3.96 19.64 -1.32
N ALA A 155 5.13 20.13 -0.91
CA ALA A 155 5.27 20.95 0.30
C ALA A 155 4.38 22.19 0.27
N SER A 156 4.15 22.74 -0.91
CA SER A 156 3.19 23.81 -1.08
C SER A 156 1.80 23.27 -0.77
N ILE A 157 1.48 22.11 -1.34
CA ILE A 157 0.21 21.45 -1.09
C ILE A 157 0.06 21.04 0.39
N VAL A 158 1.17 20.76 1.06
CA VAL A 158 1.11 20.36 2.47
C VAL A 158 0.51 21.43 3.36
N GLY A 159 1.13 22.60 3.36
CA GLY A 159 0.73 23.67 4.27
C GLY A 159 -0.68 24.14 4.00
N ILE A 160 -1.07 24.15 2.73
CA ILE A 160 -2.41 24.57 2.34
C ILE A 160 -3.44 23.58 2.89
N MET A 161 -3.17 22.30 2.71
CA MET A 161 -4.10 21.25 3.11
C MET A 161 -4.13 21.00 4.63
N PHE A 162 -3.12 21.49 5.34
CA PHE A 162 -3.04 21.28 6.79
C PHE A 162 -4.22 21.92 7.52
N THR A 163 -4.66 23.09 7.04
CA THR A 163 -5.81 23.77 7.61
C THR A 163 -7.08 22.96 7.36
N ILE A 164 -7.15 22.34 6.19
CA ILE A 164 -8.34 21.57 5.78
C ILE A 164 -8.28 20.12 6.30
N ASN A 165 -7.59 19.24 5.58
CA ASN A 165 -7.40 17.87 6.01
C ASN A 165 -5.96 17.48 5.71
N ASN A 166 -5.14 17.45 6.76
CA ASN A 166 -3.73 17.10 6.61
C ASN A 166 -3.50 15.68 6.07
N GLN A 167 -4.52 14.84 6.11
CA GLN A 167 -4.41 13.48 5.60
C GLN A 167 -4.27 13.45 4.07
N PHE A 168 -4.91 14.39 3.38
CA PHE A 168 -5.04 14.36 1.92
C PHE A 168 -3.70 14.26 1.17
N VAL A 169 -2.63 14.71 1.80
CA VAL A 169 -1.33 14.73 1.14
C VAL A 169 -0.76 13.31 1.09
N PHE A 170 -0.96 12.56 2.16
CA PHE A 170 -0.50 11.17 2.23
C PHE A 170 -1.15 10.29 1.16
N TRP A 171 -2.47 10.35 1.07
CA TRP A 171 -3.21 9.59 0.05
C TRP A 171 -2.71 9.97 -1.34
N LEU A 172 -2.61 11.28 -1.60
CA LEU A 172 -2.09 11.79 -2.87
C LEU A 172 -0.69 11.29 -3.17
N GLY A 173 0.07 11.00 -2.11
CA GLY A 173 1.40 10.43 -2.25
C GLY A 173 1.37 9.02 -2.79
N SER A 174 0.55 8.16 -2.19
CA SER A 174 0.44 6.76 -2.63
C SER A 174 -0.18 6.65 -4.03
N GLY A 175 -0.74 7.73 -4.54
CA GLY A 175 -1.15 7.80 -5.94
C GLY A 175 0.07 7.95 -6.85
N CYS A 176 1.04 8.73 -6.40
CA CYS A 176 2.28 8.93 -7.15
C CYS A 176 3.15 7.66 -7.16
N ALA A 177 3.06 6.85 -6.12
CA ALA A 177 3.80 5.60 -6.07
C ALA A 177 3.40 4.67 -7.22
N LEU A 178 2.16 4.80 -7.69
CA LEU A 178 1.67 4.01 -8.83
C LEU A 178 2.19 4.53 -10.16
N ILE A 179 2.03 5.82 -10.43
CA ILE A 179 2.56 6.40 -11.67
C ILE A 179 4.07 6.18 -11.78
N LEU A 180 4.73 5.99 -10.63
CA LEU A 180 6.14 5.60 -10.63
C LEU A 180 6.33 4.25 -11.30
N ALA A 181 5.49 3.28 -10.91
CA ALA A 181 5.51 1.96 -11.51
C ALA A 181 5.27 2.03 -13.02
N VAL A 182 4.41 2.96 -13.43
CA VAL A 182 4.08 3.16 -14.84
C VAL A 182 5.33 3.56 -15.63
N LEU A 183 5.91 4.69 -15.24
CA LEU A 183 7.10 5.23 -15.88
C LEU A 183 8.22 4.22 -15.90
N LEU A 184 8.27 3.37 -14.87
CA LEU A 184 9.30 2.34 -14.79
C LEU A 184 9.15 1.28 -15.89
N PHE A 185 7.90 0.96 -16.23
CA PHE A 185 7.63 -0.08 -17.24
C PHE A 185 8.00 0.34 -18.65
N PHE A 186 7.90 1.65 -18.93
CA PHE A 186 8.29 2.21 -20.23
C PHE A 186 9.78 2.60 -20.30
N ALA A 187 10.60 2.04 -19.42
CA ALA A 187 12.03 2.32 -19.39
C ALA A 187 12.81 1.07 -19.81
N LYS A 188 13.46 1.16 -20.98
CA LYS A 188 14.33 0.10 -21.47
C LYS A 188 15.76 0.38 -21.02
N THR A 189 16.34 -0.54 -20.29
CA THR A 189 17.73 -0.40 -19.83
C THR A 189 18.41 -1.77 -19.79
N ASP A 190 19.37 -1.99 -20.69
CA ASP A 190 20.12 -3.23 -20.74
C ASP A 190 21.40 -3.05 -21.54
N ALA A 207 30.30 -7.84 -14.20
CA ALA A 207 29.86 -8.22 -12.87
C ALA A 207 31.01 -8.10 -11.87
N PHE A 208 30.76 -8.49 -10.62
CA PHE A 208 31.75 -8.35 -9.55
C PHE A 208 31.38 -9.24 -8.37
N SER A 209 32.16 -9.14 -7.29
CA SER A 209 31.89 -9.90 -6.07
C SER A 209 32.27 -9.04 -4.85
N LEU A 210 31.74 -9.40 -3.69
CA LEU A 210 32.01 -8.66 -2.46
C LEU A 210 33.49 -8.72 -2.04
N LYS A 211 34.24 -9.66 -2.61
CA LYS A 211 35.67 -9.77 -2.36
C LYS A 211 36.35 -8.55 -2.94
N LEU A 212 35.85 -8.10 -4.09
CA LEU A 212 36.42 -6.99 -4.82
C LEU A 212 36.05 -5.67 -4.14
N ALA A 213 34.89 -5.67 -3.47
CA ALA A 213 34.45 -4.51 -2.69
C ALA A 213 35.34 -4.26 -1.48
N LEU A 214 35.75 -5.33 -0.80
CA LEU A 214 36.64 -5.22 0.36
C LEU A 214 37.93 -4.50 0.01
N GLU A 215 38.41 -4.72 -1.20
CA GLU A 215 39.65 -4.11 -1.66
C GLU A 215 39.54 -2.59 -1.68
N LEU A 216 38.32 -2.08 -1.86
CA LEU A 216 38.08 -0.64 -1.88
C LEU A 216 38.57 0.02 -0.60
N PHE A 217 38.29 -0.62 0.53
CA PHE A 217 38.65 -0.08 1.82
C PHE A 217 40.16 0.00 2.02
N ARG A 218 40.90 -0.87 1.32
CA ARG A 218 42.35 -0.81 1.38
C ARG A 218 42.97 0.16 0.37
N GLN A 219 42.13 0.88 -0.38
CA GLN A 219 42.61 1.89 -1.30
C GLN A 219 42.76 3.24 -0.58
N PRO A 220 43.97 3.82 -0.59
CA PRO A 220 44.20 5.14 0.01
C PRO A 220 43.22 6.19 -0.52
N LYS A 221 43.03 6.17 -1.83
CA LYS A 221 42.10 7.08 -2.51
C LYS A 221 40.70 7.09 -1.90
N LEU A 222 40.29 5.96 -1.33
CA LEU A 222 38.96 5.87 -0.73
C LEU A 222 38.85 6.66 0.58
N TRP A 223 39.88 6.55 1.42
CA TRP A 223 39.88 7.24 2.71
C TRP A 223 39.69 8.75 2.54
N PHE A 224 40.27 9.30 1.48
CA PHE A 224 40.27 10.74 1.25
C PHE A 224 38.87 11.30 1.03
N LEU A 225 38.06 10.58 0.27
CA LEU A 225 36.69 10.99 0.03
C LEU A 225 35.83 10.68 1.26
N SER A 226 36.16 9.58 1.92
CA SER A 226 35.47 9.17 3.14
C SER A 226 35.62 10.26 4.21
N LEU A 227 36.82 10.85 4.29
CA LEU A 227 37.10 11.90 5.26
C LEU A 227 36.43 13.20 4.83
N TYR A 228 36.36 13.44 3.52
CA TYR A 228 35.67 14.62 3.00
C TYR A 228 34.21 14.64 3.48
N VAL A 229 33.61 13.47 3.65
CA VAL A 229 32.22 13.34 4.08
C VAL A 229 32.07 13.56 5.58
N ILE A 230 32.76 12.73 6.37
CA ILE A 230 32.75 12.83 7.83
C ILE A 230 32.96 14.27 8.30
N GLY A 231 33.81 14.99 7.59
CA GLY A 231 34.20 16.32 7.99
C GLY A 231 33.21 17.41 7.58
N VAL A 232 32.99 17.53 6.28
CA VAL A 232 32.20 18.63 5.73
C VAL A 232 30.72 18.26 5.62
N SER A 233 30.45 17.08 5.08
CA SER A 233 29.09 16.68 4.76
C SER A 233 28.28 16.31 6.00
N CYS A 234 28.90 15.58 6.91
CA CYS A 234 28.26 15.18 8.15
C CYS A 234 28.02 16.40 9.02
N THR A 235 29.02 17.27 9.08
CA THR A 235 28.92 18.50 9.87
C THR A 235 27.87 19.46 9.29
N TYR A 236 27.61 19.37 7.99
CA TYR A 236 26.60 20.21 7.34
C TYR A 236 25.17 19.69 7.48
N ASP A 237 25.01 18.36 7.59
CA ASP A 237 23.69 17.76 7.73
C ASP A 237 23.16 17.84 9.17
N VAL A 238 24.06 17.95 10.15
CA VAL A 238 23.66 18.20 11.54
C VAL A 238 23.33 19.67 11.77
N PHE A 239 23.96 20.53 10.98
CA PHE A 239 23.73 21.98 11.05
C PHE A 239 22.26 22.33 10.78
N ASP A 240 21.62 21.55 9.89
CA ASP A 240 20.22 21.80 9.52
C ASP A 240 19.21 21.19 10.50
N GLN A 241 19.70 20.52 11.55
CA GLN A 241 18.82 19.90 12.53
C GLN A 241 17.88 20.92 13.20
N GLN A 242 18.42 21.69 14.16
CA GLN A 242 17.62 22.67 14.88
C GLN A 242 17.85 24.08 14.33
N PHE A 243 18.08 24.19 13.03
CA PHE A 243 18.32 25.49 12.39
C PHE A 243 17.05 26.32 12.28
N ALA A 244 15.90 25.64 12.14
CA ALA A 244 14.61 26.34 12.04
C ALA A 244 14.25 27.02 13.37
N ASN A 245 14.68 26.43 14.48
CA ASN A 245 14.52 27.03 15.80
C ASN A 245 15.30 28.35 15.87
N PHE A 246 16.52 28.30 15.35
CA PHE A 246 17.41 29.47 15.28
C PHE A 246 16.90 30.55 14.33
N PHE A 247 16.11 30.13 13.34
CA PHE A 247 15.59 31.01 12.29
C PHE A 247 14.38 31.82 12.76
N THR A 248 13.48 31.16 13.49
CA THR A 248 12.24 31.77 13.95
C THR A 248 12.47 32.90 14.97
N SER A 249 13.65 32.93 15.59
CA SER A 249 13.97 33.96 16.57
C SER A 249 14.25 35.32 15.92
N PHE A 250 14.51 35.31 14.61
CA PHE A 250 14.81 36.52 13.85
C PHE A 250 13.54 37.22 13.33
N PHE A 251 12.39 36.90 13.90
CA PHE A 251 11.13 37.49 13.48
C PHE A 251 10.45 38.16 14.65
N ALA A 252 9.65 39.19 14.34
CA ALA A 252 8.81 39.82 15.33
C ALA A 252 7.82 38.80 15.91
N THR A 253 7.55 37.74 15.14
CA THR A 253 6.69 36.66 15.59
C THR A 253 7.26 35.32 15.15
N GLY A 254 7.18 34.32 16.02
CA GLY A 254 7.61 32.97 15.68
C GLY A 254 6.59 32.28 14.78
N GLU A 255 5.32 32.39 15.14
CA GLU A 255 4.22 31.81 14.37
C GLU A 255 4.10 32.39 12.95
N GLN A 256 4.31 33.70 12.83
CA GLN A 256 4.28 34.38 11.53
C GLN A 256 5.61 34.23 10.81
N GLY A 257 6.67 34.09 11.60
CA GLY A 257 8.00 33.83 11.06
C GLY A 257 8.14 32.40 10.55
N THR A 258 7.18 31.54 10.89
CA THR A 258 7.13 30.18 10.35
C THR A 258 6.59 30.20 8.92
N ARG A 259 5.63 31.08 8.66
CA ARG A 259 5.08 31.21 7.31
C ARG A 259 6.16 31.65 6.33
N VAL A 260 7.07 32.53 6.78
CA VAL A 260 8.13 33.03 5.92
C VAL A 260 9.10 31.91 5.58
N PHE A 261 9.39 31.06 6.55
CA PHE A 261 10.25 29.90 6.34
C PHE A 261 9.66 28.95 5.30
N TRP A 262 8.34 28.90 5.23
CA TRP A 262 7.64 28.07 4.25
C TRP A 262 7.84 28.60 2.82
N TYR A 263 7.83 29.93 2.68
CA TYR A 263 8.10 30.55 1.37
C TYR A 263 9.51 30.25 0.88
N VAL A 264 10.47 30.29 1.80
CA VAL A 264 11.87 30.08 1.46
C VAL A 264 12.13 28.63 1.05
N THR A 265 11.58 27.71 1.83
CA THR A 265 11.79 26.28 1.59
C THR A 265 11.18 25.86 0.27
N THR A 266 10.14 26.56 -0.17
CA THR A 266 9.46 26.25 -1.41
C THR A 266 10.17 26.93 -2.59
N MET A 267 10.19 28.27 -2.56
CA MET A 267 10.79 29.06 -3.63
C MET A 267 12.28 28.76 -3.78
N GLY A 268 12.95 28.54 -2.65
CA GLY A 268 14.36 28.21 -2.66
C GLY A 268 14.67 27.01 -3.54
N GLU A 269 13.70 26.09 -3.65
CA GLU A 269 13.85 24.93 -4.52
C GLU A 269 13.68 25.30 -5.99
N LEU A 270 12.79 26.25 -6.25
CA LEU A 270 12.60 26.75 -7.62
C LEU A 270 13.92 27.33 -8.11
N LEU A 271 14.60 28.06 -7.24
CA LEU A 271 15.92 28.56 -7.57
C LEU A 271 16.88 27.39 -7.72
N ASN A 272 16.84 26.47 -6.76
CA ASN A 272 17.72 25.29 -6.74
C ASN A 272 17.64 24.46 -8.02
N ALA A 273 16.46 24.43 -8.64
CA ALA A 273 16.31 23.77 -9.93
C ALA A 273 17.15 24.53 -10.94
N SER A 274 16.89 25.83 -11.04
CA SER A 274 17.55 26.71 -12.00
C SER A 274 19.08 26.64 -11.89
N ILE A 275 19.58 26.48 -10.67
CA ILE A 275 21.02 26.34 -10.46
C ILE A 275 21.49 25.01 -11.04
N MET A 276 20.74 23.95 -10.77
CA MET A 276 21.11 22.62 -11.26
C MET A 276 20.75 22.41 -12.74
N PHE A 277 20.02 23.35 -13.31
CA PHE A 277 19.74 23.33 -14.74
C PHE A 277 21.06 23.39 -15.51
N PHE A 278 21.91 24.32 -15.11
CA PHE A 278 23.19 24.55 -15.78
C PHE A 278 24.36 23.82 -15.11
N ALA A 279 24.14 23.27 -13.92
CA ALA A 279 25.23 22.67 -13.14
C ALA A 279 26.12 21.70 -13.94
N PRO A 280 25.55 20.60 -14.45
CA PRO A 280 26.42 19.58 -15.07
C PRO A 280 27.24 20.11 -16.25
N LEU A 281 26.68 21.09 -16.97
CA LEU A 281 27.38 21.73 -18.07
C LEU A 281 28.70 22.36 -17.58
N ILE A 282 28.66 22.88 -16.35
CA ILE A 282 29.81 23.52 -15.72
C ILE A 282 30.72 22.51 -15.03
N ILE A 283 30.12 21.60 -14.26
CA ILE A 283 30.88 20.63 -13.48
C ILE A 283 31.76 19.76 -14.39
N ASN A 284 31.29 19.53 -15.61
CA ASN A 284 31.97 18.62 -16.53
C ASN A 284 33.34 19.14 -17.01
N ARG A 285 33.46 20.45 -17.21
CA ARG A 285 34.71 21.04 -17.69
C ARG A 285 35.66 21.38 -16.54
N ILE A 286 35.10 21.66 -15.36
CA ILE A 286 35.91 21.97 -14.18
C ILE A 286 36.53 20.70 -13.57
N GLY A 287 35.79 19.60 -13.63
CA GLY A 287 36.31 18.29 -13.23
C GLY A 287 35.49 17.55 -12.18
N GLY A 288 34.94 18.29 -11.23
CA GLY A 288 34.11 17.72 -10.19
C GLY A 288 34.86 17.69 -8.87
N LYS A 289 36.16 17.44 -8.94
CA LYS A 289 37.02 17.53 -7.76
C LYS A 289 36.98 18.94 -7.18
N ASN A 290 37.04 19.95 -8.05
CA ASN A 290 37.01 21.34 -7.65
C ASN A 290 35.59 21.87 -7.42
N ALA A 291 34.59 21.07 -7.77
CA ALA A 291 33.19 21.39 -7.54
C ALA A 291 32.75 20.96 -6.15
N LEU A 292 33.46 19.98 -5.58
CA LEU A 292 33.19 19.54 -4.22
C LEU A 292 33.84 20.47 -3.21
N LEU A 293 35.01 21.01 -3.56
CA LEU A 293 35.66 22.00 -2.71
C LEU A 293 34.82 23.27 -2.75
N LEU A 294 34.28 23.56 -3.93
CA LEU A 294 33.38 24.69 -4.12
C LEU A 294 32.12 24.51 -3.27
N ALA A 295 31.42 23.39 -3.48
CA ALA A 295 30.23 23.05 -2.70
C ALA A 295 30.52 23.20 -1.21
N GLY A 296 31.64 22.64 -0.78
CA GLY A 296 32.04 22.71 0.62
C GLY A 296 32.31 24.13 1.09
N THR A 297 32.75 24.99 0.17
CA THR A 297 32.94 26.42 0.47
C THR A 297 31.59 27.14 0.50
N ILE A 298 30.63 26.71 -0.32
CA ILE A 298 29.29 27.30 -0.27
C ILE A 298 28.67 26.97 1.09
N MET A 299 28.83 25.72 1.51
CA MET A 299 28.37 25.27 2.82
C MET A 299 29.01 26.10 3.89
N SER A 300 30.34 26.20 3.78
CA SER A 300 31.14 26.87 4.78
C SER A 300 30.71 28.33 4.98
N VAL A 301 30.49 29.05 3.88
CA VAL A 301 30.04 30.44 3.95
C VAL A 301 28.70 30.53 4.65
N ARG A 302 27.87 29.51 4.49
CA ARG A 302 26.53 29.51 5.09
C ARG A 302 26.57 29.30 6.61
N ILE A 303 27.50 28.48 7.09
CA ILE A 303 27.59 28.17 8.52
C ILE A 303 28.02 29.39 9.31
N ILE A 304 29.14 29.98 8.89
CA ILE A 304 29.73 31.13 9.58
C ILE A 304 28.73 32.26 9.70
N GLY A 305 27.95 32.47 8.65
CA GLY A 305 26.96 33.54 8.61
C GLY A 305 25.99 33.50 9.78
N SER A 306 25.66 32.30 10.25
CA SER A 306 24.75 32.14 11.39
C SER A 306 25.41 32.60 12.69
N SER A 307 26.72 32.35 12.82
CA SER A 307 27.48 32.79 13.99
C SER A 307 27.61 34.31 14.02
N PHE A 308 27.62 34.94 12.84
CA PHE A 308 27.67 36.40 12.71
C PHE A 308 26.36 36.95 12.12
N ALA A 309 25.24 36.35 12.51
CA ALA A 309 23.93 36.78 12.03
C ALA A 309 23.40 37.93 12.88
N THR A 310 23.69 39.16 12.46
CA THR A 310 23.24 40.35 13.18
C THR A 310 21.86 40.85 12.72
N SER A 311 21.27 40.19 11.72
CA SER A 311 19.99 40.62 11.17
C SER A 311 19.17 39.41 10.72
N ALA A 312 17.91 39.66 10.40
CA ALA A 312 17.00 38.61 9.93
C ALA A 312 17.13 38.40 8.44
N LEU A 313 17.39 39.47 7.71
CA LEU A 313 17.55 39.36 6.26
C LEU A 313 18.77 38.52 5.93
N GLU A 314 19.79 38.57 6.79
CA GLU A 314 20.98 37.77 6.60
C GLU A 314 20.64 36.28 6.61
N VAL A 315 19.98 35.85 7.68
CA VAL A 315 19.70 34.43 7.88
C VAL A 315 18.73 33.85 6.84
N VAL A 316 18.00 34.72 6.13
CA VAL A 316 17.16 34.29 5.02
C VAL A 316 18.01 33.93 3.81
N ILE A 317 19.03 34.75 3.54
CA ILE A 317 19.95 34.48 2.43
C ILE A 317 20.73 33.20 2.70
N LEU A 318 21.11 32.99 3.96
CA LEU A 318 21.84 31.79 4.36
C LEU A 318 20.99 30.55 4.10
N LYS A 319 19.70 30.63 4.43
CA LYS A 319 18.77 29.56 4.11
C LYS A 319 18.80 29.28 2.61
N THR A 320 18.90 30.33 1.82
CA THR A 320 18.94 30.20 0.38
C THR A 320 20.35 29.78 -0.11
N LEU A 321 21.40 30.13 0.63
CA LEU A 321 22.77 29.72 0.28
C LEU A 321 22.89 28.19 0.26
N HIS A 322 22.00 27.51 0.98
CA HIS A 322 21.91 26.06 0.90
C HIS A 322 21.50 25.63 -0.51
N MET A 323 20.56 26.36 -1.10
CA MET A 323 20.05 26.05 -2.43
C MET A 323 21.11 26.24 -3.53
N PHE A 324 22.14 27.03 -3.23
CA PHE A 324 23.28 27.19 -4.14
C PHE A 324 24.24 26.02 -4.04
N GLU A 325 24.28 25.40 -2.86
CA GLU A 325 25.21 24.31 -2.57
C GLU A 325 24.75 22.97 -3.11
N VAL A 326 23.43 22.71 -3.04
CA VAL A 326 22.87 21.39 -3.34
C VAL A 326 23.36 20.81 -4.68
N PRO A 327 23.26 21.58 -5.78
CA PRO A 327 23.65 21.04 -7.09
C PRO A 327 25.13 20.63 -7.15
N PHE A 328 26.01 21.53 -6.74
CA PHE A 328 27.46 21.29 -6.83
C PHE A 328 27.89 20.06 -6.05
N LEU A 329 27.06 19.62 -5.11
CA LEU A 329 27.34 18.39 -4.39
C LEU A 329 26.83 17.17 -5.16
N LEU A 330 25.51 17.07 -5.33
CA LEU A 330 24.88 15.88 -5.92
C LEU A 330 25.40 15.60 -7.31
N VAL A 331 25.51 16.65 -8.12
CA VAL A 331 26.04 16.52 -9.47
C VAL A 331 27.51 16.11 -9.38
N GLY A 332 28.25 16.78 -8.49
CA GLY A 332 29.68 16.58 -8.35
C GLY A 332 30.08 15.27 -7.69
N CYS A 333 29.20 14.69 -6.89
CA CYS A 333 29.48 13.43 -6.21
C CYS A 333 29.69 12.34 -7.25
N PHE A 334 28.78 12.28 -8.21
CA PHE A 334 28.86 11.29 -9.26
C PHE A 334 29.93 11.67 -10.27
N LYS A 335 29.93 12.93 -10.69
CA LYS A 335 30.92 13.38 -11.66
C LYS A 335 32.36 13.23 -11.14
N TYR A 336 32.52 13.16 -9.82
CA TYR A 336 33.83 12.89 -9.21
C TYR A 336 34.06 11.39 -9.05
N ILE A 337 33.04 10.68 -8.56
CA ILE A 337 33.14 9.24 -8.35
C ILE A 337 33.40 8.51 -9.66
N THR A 338 32.57 8.81 -10.67
CA THR A 338 32.70 8.21 -11.99
C THR A 338 34.02 8.58 -12.66
N SER A 339 34.46 9.81 -12.47
CA SER A 339 35.71 10.27 -13.07
C SER A 339 36.91 9.52 -12.49
N GLN A 340 37.03 9.50 -11.17
CA GLN A 340 38.17 8.87 -10.51
C GLN A 340 37.95 7.39 -10.25
N PHE A 341 37.02 7.06 -9.36
CA PHE A 341 36.74 5.67 -9.04
C PHE A 341 36.10 4.97 -10.22
N GLU A 342 36.27 3.66 -10.27
CA GLU A 342 35.76 2.87 -11.38
C GLU A 342 34.23 2.85 -11.34
N VAL A 343 33.61 2.66 -12.49
CA VAL A 343 32.16 2.76 -12.61
C VAL A 343 31.48 1.54 -11.99
N ARG A 344 32.19 0.41 -11.98
CA ARG A 344 31.65 -0.86 -11.48
C ARG A 344 31.36 -0.88 -9.96
N PHE A 345 31.75 0.17 -9.25
CA PHE A 345 31.37 0.36 -7.85
C PHE A 345 30.68 1.71 -7.62
N SER A 346 30.14 2.31 -8.69
CA SER A 346 29.62 3.68 -8.61
C SER A 346 28.54 3.87 -7.55
N ALA A 347 27.61 2.93 -7.49
CA ALA A 347 26.47 3.06 -6.58
C ALA A 347 26.91 2.68 -5.17
N THR A 348 27.72 1.64 -5.06
CA THR A 348 28.17 1.14 -3.76
C THR A 348 28.89 2.22 -2.99
N ILE A 349 29.99 2.73 -3.55
CA ILE A 349 30.82 3.67 -2.82
C ILE A 349 30.05 4.95 -2.55
N TYR A 350 29.08 5.25 -3.40
CA TYR A 350 28.21 6.39 -3.15
C TYR A 350 27.34 6.14 -1.92
N LEU A 351 26.85 4.91 -1.75
CA LEU A 351 26.04 4.56 -0.58
C LEU A 351 26.89 4.22 0.66
N VAL A 352 28.13 3.81 0.44
CA VAL A 352 29.02 3.41 1.53
C VAL A 352 29.78 4.62 2.07
N CYS A 353 30.37 5.40 1.16
CA CYS A 353 31.19 6.54 1.57
C CYS A 353 30.38 7.77 1.98
N PHE A 354 29.34 8.10 1.22
CA PHE A 354 28.53 9.27 1.56
C PHE A 354 27.45 8.95 2.59
N CYS A 355 26.41 8.24 2.16
CA CYS A 355 25.24 8.02 2.99
C CYS A 355 25.59 7.30 4.31
N PHE A 356 26.14 6.10 4.20
CA PHE A 356 26.40 5.26 5.36
C PHE A 356 27.35 5.88 6.38
N PHE A 357 28.54 6.29 5.93
CA PHE A 357 29.53 6.87 6.84
C PHE A 357 29.05 8.16 7.46
N LYS A 358 28.44 9.01 6.64
CA LYS A 358 27.88 10.27 7.15
C LYS A 358 26.91 9.97 8.28
N GLN A 359 25.96 9.08 8.02
CA GLN A 359 24.95 8.69 8.99
C GLN A 359 25.60 8.16 10.25
N LEU A 360 26.60 7.29 10.05
CA LEU A 360 27.33 6.69 11.15
C LEU A 360 28.06 7.78 11.93
N ALA A 361 28.55 8.78 11.22
CA ALA A 361 29.27 9.90 11.82
C ALA A 361 28.33 10.94 12.41
N MET A 362 27.13 11.06 11.83
CA MET A 362 26.15 12.07 12.24
C MET A 362 25.59 11.73 13.61
N ILE A 363 25.42 10.43 13.86
CA ILE A 363 24.97 9.97 15.17
C ILE A 363 25.97 10.40 16.24
N PHE A 364 27.24 10.50 15.87
CA PHE A 364 28.29 10.89 16.81
C PHE A 364 28.42 12.41 16.98
N MET A 365 28.10 13.17 15.94
CA MET A 365 28.17 14.63 16.00
C MET A 365 26.94 15.23 16.68
N SER A 366 25.79 14.57 16.52
CA SER A 366 24.54 15.03 17.13
C SER A 366 24.55 15.02 18.67
N VAL A 367 25.44 14.25 19.28
CA VAL A 367 25.51 14.17 20.74
C VAL A 367 26.13 15.43 21.31
N LEU A 368 27.36 15.69 20.92
CA LEU A 368 28.11 16.82 21.46
C LEU A 368 27.45 18.14 21.08
N ALA A 369 26.74 18.14 19.95
CA ALA A 369 25.94 19.28 19.52
C ALA A 369 24.99 19.77 20.62
N GLY A 370 24.20 18.86 21.17
CA GLY A 370 23.33 19.18 22.29
C GLY A 370 24.12 19.57 23.53
N ASN A 371 25.26 18.91 23.74
CA ASN A 371 26.21 19.26 24.79
C ASN A 371 27.08 20.48 24.44
N MET A 372 26.75 21.15 23.33
CA MET A 372 27.39 22.40 22.92
C MET A 372 26.41 23.57 23.00
N TYR A 373 25.18 23.36 22.55
CA TYR A 373 24.12 24.36 22.65
C TYR A 373 23.91 24.79 24.09
N GLU A 374 23.87 23.81 24.98
CA GLU A 374 23.66 24.05 26.41
C GLU A 374 24.98 24.32 27.16
N SER A 375 26.10 24.13 26.48
CA SER A 375 27.42 24.50 26.99
C SER A 375 27.71 25.98 26.72
N ILE A 376 27.34 26.45 25.53
CA ILE A 376 27.64 27.81 25.11
C ILE A 376 26.46 28.53 24.42
N GLY A 377 25.84 27.89 23.43
CA GLY A 377 24.74 28.50 22.71
C GLY A 377 24.67 28.06 21.26
N PHE A 378 23.84 28.74 20.48
CA PHE A 378 23.69 28.42 19.06
C PHE A 378 24.76 29.07 18.21
N GLN A 379 24.88 30.39 18.30
CA GLN A 379 25.91 31.11 17.55
C GLN A 379 27.32 30.82 18.08
N GLY A 380 27.41 30.41 19.34
CA GLY A 380 28.69 30.09 19.94
C GLY A 380 29.19 28.70 19.57
N ALA A 381 28.30 27.83 19.10
CA ALA A 381 28.65 26.48 18.70
C ALA A 381 28.99 26.38 17.22
N TYR A 382 28.31 27.18 16.40
CA TYR A 382 28.47 27.14 14.95
C TYR A 382 29.87 27.49 14.47
N LEU A 383 30.61 28.25 15.29
CA LEU A 383 31.98 28.62 14.94
C LEU A 383 32.88 27.38 14.92
N VAL A 384 32.69 26.48 15.88
CA VAL A 384 33.50 25.28 15.98
C VAL A 384 33.24 24.38 14.78
N LEU A 385 31.99 24.37 14.32
CA LEU A 385 31.60 23.55 13.18
C LEU A 385 32.22 24.06 11.89
N GLY A 386 32.10 25.37 11.66
CA GLY A 386 32.66 26.01 10.49
C GLY A 386 34.16 25.81 10.36
N LEU A 387 34.87 25.77 11.49
CA LEU A 387 36.29 25.47 11.48
C LEU A 387 36.55 24.04 11.02
N VAL A 388 35.76 23.10 11.54
CA VAL A 388 35.83 21.71 11.10
C VAL A 388 35.41 21.60 9.65
N ALA A 389 34.45 22.43 9.24
CA ALA A 389 33.92 22.40 7.88
C ALA A 389 35.02 22.82 6.91
N LEU A 390 35.41 24.08 6.98
CA LEU A 390 36.41 24.62 6.06
C LEU A 390 37.76 23.94 6.24
N GLY A 391 38.07 23.55 7.47
CA GLY A 391 39.30 22.83 7.76
C GLY A 391 39.44 21.65 6.82
N PHE A 392 38.46 20.76 6.85
CA PHE A 392 38.47 19.60 5.99
C PHE A 392 38.23 19.92 4.51
N THR A 393 37.55 21.03 4.24
CA THR A 393 37.36 21.49 2.87
C THR A 393 38.73 21.79 2.24
N LEU A 394 39.60 22.41 3.04
CA LEU A 394 40.93 22.80 2.56
C LEU A 394 41.92 21.63 2.62
N ILE A 395 41.77 20.78 3.63
CA ILE A 395 42.57 19.55 3.71
C ILE A 395 42.28 18.70 2.49
N SER A 396 41.02 18.64 2.12
CA SER A 396 40.59 17.78 1.01
C SER A 396 41.14 18.25 -0.34
N VAL A 397 41.80 19.41 -0.36
CA VAL A 397 42.45 19.91 -1.56
C VAL A 397 43.76 19.16 -1.82
N PHE A 398 44.44 18.78 -0.73
CA PHE A 398 45.71 18.05 -0.81
C PHE A 398 45.57 16.52 -0.65
N THR A 399 44.33 16.03 -0.67
CA THR A 399 44.07 14.59 -0.53
C THR A 399 43.32 14.05 -1.74
N LEU A 400 42.17 14.67 -2.04
CA LEU A 400 41.35 14.26 -3.17
C LEU A 400 42.17 14.34 -4.45
N SER A 401 42.48 13.18 -5.02
CA SER A 401 43.28 13.12 -6.24
C SER A 401 42.48 13.65 -7.42
N GLY A 402 43.13 14.47 -8.25
CA GLY A 402 42.48 15.11 -9.38
C GLY A 402 43.07 16.48 -9.59
N PRO A 403 42.36 17.36 -10.32
CA PRO A 403 42.85 18.73 -10.48
C PRO A 403 42.67 19.53 -9.19
N GLY A 404 42.89 20.83 -9.25
CA GLY A 404 42.68 21.69 -8.10
C GLY A 404 42.08 22.99 -8.56
N PRO A 405 41.72 23.87 -7.61
CA PRO A 405 41.35 25.23 -7.99
C PRO A 405 42.53 25.92 -8.68
N LEU A 406 43.72 25.42 -8.44
CA LEU A 406 44.94 25.88 -9.11
C LEU A 406 44.88 25.83 -10.64
N SER A 407 44.26 24.80 -11.20
CA SER A 407 44.20 24.61 -12.64
C SER A 407 43.14 25.50 -13.32
N LEU A 408 42.20 26.02 -12.52
CA LEU A 408 41.16 26.88 -13.04
C LEU A 408 41.73 28.14 -13.69
N LEU A 409 42.83 28.65 -13.15
CA LEU A 409 43.41 29.90 -13.63
C LEU A 409 44.08 29.72 -14.99
N ARG A 410 44.56 28.52 -15.27
CA ARG A 410 45.21 28.22 -16.54
C ARG A 410 44.19 28.18 -17.68
N LEU B 4 -30.71 6.74 -11.63
CA LEU B 4 -31.50 7.48 -10.67
C LEU B 4 -30.77 8.74 -10.25
N LYS B 5 -31.53 9.83 -10.03
CA LYS B 5 -30.94 11.13 -9.76
C LYS B 5 -30.16 11.16 -8.45
N ASN B 6 -30.63 10.40 -7.45
CA ASN B 6 -29.97 10.34 -6.14
C ASN B 6 -28.46 10.14 -6.27
N THR B 7 -27.70 11.05 -5.66
CA THR B 7 -26.25 11.06 -5.84
C THR B 7 -25.59 9.87 -5.18
N ASN B 8 -25.98 9.58 -3.94
CA ASN B 8 -25.40 8.50 -3.16
C ASN B 8 -25.49 7.16 -3.91
N PHE B 9 -26.58 6.97 -4.64
CA PHE B 9 -26.72 5.80 -5.49
C PHE B 9 -25.50 5.65 -6.42
N TRP B 10 -25.21 6.71 -7.16
CA TRP B 10 -24.09 6.72 -8.11
C TRP B 10 -22.72 6.73 -7.43
N MET B 11 -22.66 7.11 -6.16
CA MET B 11 -21.42 7.05 -5.41
C MET B 11 -21.09 5.61 -5.05
N PHE B 12 -21.93 5.02 -4.19
CA PHE B 12 -21.68 3.67 -3.69
C PHE B 12 -21.78 2.60 -4.78
N GLY B 13 -22.59 2.86 -5.80
CA GLY B 13 -22.70 1.96 -6.93
C GLY B 13 -21.33 1.69 -7.54
N LEU B 14 -20.47 2.71 -7.51
CA LEU B 14 -19.11 2.61 -8.04
C LEU B 14 -18.17 2.04 -7.00
N PHE B 15 -18.42 2.35 -5.73
CA PHE B 15 -17.64 1.81 -4.63
C PHE B 15 -17.61 0.29 -4.69
N PHE B 16 -18.79 -0.29 -4.90
CA PHE B 16 -18.93 -1.73 -5.10
C PHE B 16 -18.13 -2.18 -6.31
N PHE B 17 -18.44 -1.56 -7.45
CA PHE B 17 -17.80 -1.91 -8.72
C PHE B 17 -16.30 -2.11 -8.56
N PHE B 18 -15.67 -1.24 -7.78
CA PHE B 18 -14.22 -1.27 -7.58
C PHE B 18 -13.80 -2.25 -6.50
N TYR B 19 -14.53 -2.27 -5.38
CA TYR B 19 -14.16 -3.15 -4.29
C TYR B 19 -14.19 -4.63 -4.71
N PHE B 20 -15.14 -4.97 -5.57
CA PHE B 20 -15.28 -6.34 -6.05
C PHE B 20 -14.36 -6.58 -7.24
N PHE B 21 -14.04 -5.52 -7.96
CA PHE B 21 -13.01 -5.60 -8.97
C PHE B 21 -11.70 -6.01 -8.31
N ILE B 22 -11.34 -5.32 -7.23
CA ILE B 22 -10.08 -5.61 -6.53
C ILE B 22 -10.12 -6.96 -5.78
N MET B 23 -11.33 -7.46 -5.52
CA MET B 23 -11.49 -8.83 -5.00
C MET B 23 -11.54 -9.88 -6.12
N GLY B 24 -11.92 -9.44 -7.32
CA GLY B 24 -11.97 -10.32 -8.48
C GLY B 24 -10.60 -10.84 -8.91
N ALA B 25 -9.53 -10.11 -8.57
CA ALA B 25 -8.16 -10.57 -8.81
C ALA B 25 -7.60 -11.35 -7.63
N TYR B 26 -8.49 -11.78 -6.73
CA TYR B 26 -8.08 -12.43 -5.50
C TYR B 26 -8.77 -13.78 -5.34
N PHE B 27 -10.09 -13.78 -5.29
CA PHE B 27 -10.83 -14.97 -4.87
C PHE B 27 -10.90 -16.07 -5.94
N PRO B 28 -11.36 -15.74 -7.15
CA PRO B 28 -11.53 -16.81 -8.14
C PRO B 28 -10.25 -17.56 -8.52
N PHE B 29 -9.14 -16.84 -8.65
CA PHE B 29 -7.92 -17.39 -9.23
C PHE B 29 -6.84 -17.75 -8.19
N PHE B 30 -7.23 -17.87 -6.92
CA PHE B 30 -6.26 -18.10 -5.86
C PHE B 30 -5.55 -19.47 -5.97
N PRO B 31 -6.32 -20.56 -6.09
CA PRO B 31 -5.68 -21.88 -6.17
C PRO B 31 -4.71 -21.97 -7.34
N ILE B 32 -5.00 -21.21 -8.39
CA ILE B 32 -4.14 -21.15 -9.56
C ILE B 32 -2.88 -20.37 -9.18
N TRP B 33 -3.09 -19.19 -8.61
CA TRP B 33 -1.99 -18.35 -8.16
C TRP B 33 -1.04 -19.10 -7.23
N LEU B 34 -1.58 -20.10 -6.52
CA LEU B 34 -0.78 -20.96 -5.65
C LEU B 34 -0.05 -22.04 -6.42
N HIS B 35 -0.81 -23.02 -6.91
CA HIS B 35 -0.23 -24.20 -7.55
C HIS B 35 0.63 -23.84 -8.77
N ASP B 36 0.29 -22.75 -9.45
CA ASP B 36 0.96 -22.36 -10.70
C ASP B 36 2.05 -21.30 -10.49
N ILE B 37 1.66 -20.07 -10.14
CA ILE B 37 2.62 -18.96 -10.09
C ILE B 37 3.68 -19.16 -8.99
N ASN B 38 3.23 -19.37 -7.76
CA ASN B 38 4.12 -19.48 -6.61
C ASN B 38 4.56 -20.92 -6.30
N HIS B 39 4.00 -21.90 -7.04
CA HIS B 39 4.42 -23.29 -6.90
C HIS B 39 4.18 -23.84 -5.50
N ILE B 40 2.91 -24.06 -5.17
CA ILE B 40 2.52 -24.62 -3.87
C ILE B 40 1.94 -26.02 -4.06
N SER B 41 2.47 -26.98 -3.29
CA SER B 41 1.99 -28.35 -3.32
C SER B 41 0.55 -28.36 -2.83
N LYS B 42 -0.31 -29.13 -3.51
CA LYS B 42 -1.71 -29.24 -3.13
C LYS B 42 -1.93 -29.89 -1.76
N SER B 43 -0.87 -30.45 -1.18
CA SER B 43 -0.90 -30.97 0.20
C SER B 43 -0.61 -29.87 1.24
N ASP B 44 -0.09 -28.73 0.80
CA ASP B 44 0.18 -27.58 1.66
C ASP B 44 -0.69 -26.35 1.31
N THR B 45 -1.54 -26.46 0.31
CA THR B 45 -2.44 -25.36 -0.07
C THR B 45 -3.50 -25.11 1.00
N TRP B 46 -3.96 -26.20 1.62
CA TRP B 46 -4.99 -26.10 2.66
C TRP B 46 -4.49 -25.30 3.87
N ILE B 47 -3.16 -25.22 4.03
CA ILE B 47 -2.56 -24.53 5.18
C ILE B 47 -2.88 -23.04 5.13
N ILE B 48 -2.92 -22.50 3.90
CA ILE B 48 -3.20 -21.09 3.70
C ILE B 48 -4.65 -20.81 4.07
N PHE B 49 -5.55 -21.61 3.54
CA PHE B 49 -6.97 -21.49 3.82
C PHE B 49 -7.28 -21.76 5.30
N ALA B 50 -6.42 -22.53 5.97
CA ALA B 50 -6.59 -22.84 7.38
C ALA B 50 -6.56 -21.59 8.26
N ALA B 51 -5.85 -20.56 7.81
CA ALA B 51 -5.75 -19.30 8.54
C ALA B 51 -6.80 -18.30 8.08
N ILE B 52 -7.06 -18.26 6.78
CA ILE B 52 -8.04 -17.31 6.24
C ILE B 52 -9.42 -17.53 6.85
N SER B 53 -9.76 -18.81 7.06
CA SER B 53 -11.01 -19.20 7.71
C SER B 53 -10.89 -19.33 9.24
N LEU B 54 -9.83 -18.76 9.81
CA LEU B 54 -9.60 -18.73 11.25
C LEU B 54 -9.60 -17.30 11.74
N PHE B 55 -8.81 -16.45 11.08
CA PHE B 55 -8.83 -15.02 11.37
C PHE B 55 -10.11 -14.36 10.87
N SER B 56 -10.91 -15.11 10.12
CA SER B 56 -12.25 -14.66 9.77
C SER B 56 -13.26 -15.00 10.89
N LEU B 57 -12.86 -15.85 11.84
CA LEU B 57 -13.70 -16.16 13.00
C LEU B 57 -13.59 -15.12 14.12
N LEU B 58 -12.56 -14.28 14.07
CA LEU B 58 -12.41 -13.20 15.05
C LEU B 58 -12.78 -11.84 14.46
N PHE B 59 -12.44 -11.62 13.19
CA PHE B 59 -12.73 -10.35 12.56
C PHE B 59 -14.22 -10.16 12.29
N GLN B 60 -14.89 -11.22 11.85
CA GLN B 60 -16.29 -11.10 11.43
C GLN B 60 -17.28 -10.77 12.56
N PRO B 61 -17.21 -11.51 13.68
CA PRO B 61 -18.05 -11.11 14.82
C PRO B 61 -17.73 -9.71 15.29
N LEU B 62 -16.43 -9.41 15.33
CA LEU B 62 -15.94 -8.14 15.84
C LEU B 62 -16.40 -6.95 15.00
N PHE B 63 -16.57 -7.16 13.69
CA PHE B 63 -17.04 -6.11 12.79
C PHE B 63 -18.53 -5.85 12.92
N GLY B 64 -19.27 -6.86 13.39
CA GLY B 64 -20.68 -6.68 13.65
C GLY B 64 -20.88 -5.58 14.68
N LEU B 65 -20.01 -5.59 15.68
CA LEU B 65 -20.08 -4.66 16.79
C LEU B 65 -19.78 -3.24 16.31
N LEU B 66 -18.65 -3.09 15.63
CA LEU B 66 -18.23 -1.80 15.10
C LEU B 66 -19.22 -1.30 14.04
N SER B 67 -19.84 -2.21 13.31
CA SER B 67 -20.76 -1.80 12.27
C SER B 67 -22.03 -1.17 12.84
N ASP B 68 -22.38 -1.52 14.08
CA ASP B 68 -23.55 -0.94 14.74
C ASP B 68 -23.20 0.10 15.83
N LYS B 69 -22.02 -0.02 16.43
CA LYS B 69 -21.62 0.93 17.44
C LYS B 69 -21.18 2.21 16.75
N LEU B 70 -20.69 2.06 15.53
CA LEU B 70 -20.33 3.21 14.71
C LEU B 70 -21.53 3.65 13.86
N GLY B 71 -22.39 2.71 13.51
CA GLY B 71 -23.58 3.03 12.74
C GLY B 71 -23.27 3.44 11.32
N LEU B 72 -23.64 4.67 10.97
CA LEU B 72 -23.44 5.18 9.61
C LEU B 72 -22.08 5.90 9.45
N ARG B 73 -21.20 5.76 10.45
CA ARG B 73 -19.90 6.41 10.39
C ARG B 73 -18.94 5.62 9.50
N LYS B 74 -18.23 6.34 8.65
CA LYS B 74 -17.35 5.74 7.66
C LYS B 74 -16.09 5.15 8.31
N TYR B 75 -15.80 5.58 9.55
CA TYR B 75 -14.56 5.25 10.28
C TYR B 75 -13.98 3.87 9.99
N LEU B 76 -14.82 2.84 10.02
CA LEU B 76 -14.35 1.46 9.82
C LEU B 76 -13.92 1.22 8.37
N LEU B 77 -14.69 1.74 7.42
CA LEU B 77 -14.38 1.56 6.00
C LEU B 77 -13.06 2.22 5.63
N TRP B 78 -12.70 3.29 6.33
CA TRP B 78 -11.41 3.94 6.09
C TRP B 78 -10.26 2.98 6.32
N ILE B 79 -10.37 2.14 7.34
CA ILE B 79 -9.31 1.18 7.66
C ILE B 79 -9.30 0.04 6.63
N ILE B 80 -10.48 -0.36 6.16
CA ILE B 80 -10.57 -1.41 5.17
C ILE B 80 -9.99 -0.91 3.85
N THR B 81 -10.54 0.18 3.34
CA THR B 81 -10.05 0.81 2.12
C THR B 81 -8.58 1.23 2.24
N GLY B 82 -8.13 1.52 3.46
CA GLY B 82 -6.74 1.84 3.69
C GLY B 82 -5.87 0.65 3.36
N MET B 83 -6.10 -0.46 4.05
CA MET B 83 -5.35 -1.69 3.84
C MET B 83 -5.40 -2.15 2.38
N LEU B 84 -6.53 -1.94 1.72
CA LEU B 84 -6.67 -2.31 0.31
C LEU B 84 -5.68 -1.63 -0.62
N VAL B 85 -5.10 -0.51 -0.18
CA VAL B 85 -4.06 0.16 -0.93
C VAL B 85 -2.78 -0.70 -0.93
N MET B 86 -2.52 -1.37 0.18
CA MET B 86 -1.37 -2.28 0.28
C MET B 86 -1.55 -3.56 -0.56
N PHE B 87 -2.69 -3.68 -1.23
CA PHE B 87 -3.01 -4.85 -2.04
C PHE B 87 -1.94 -5.18 -3.06
N ALA B 88 -1.40 -4.16 -3.72
CA ALA B 88 -0.38 -4.40 -4.73
C ALA B 88 0.84 -5.06 -4.06
N PRO B 89 1.63 -4.31 -3.28
CA PRO B 89 2.83 -4.93 -2.74
C PRO B 89 2.60 -6.16 -1.86
N PHE B 90 1.36 -6.38 -1.43
CA PHE B 90 1.05 -7.57 -0.65
C PHE B 90 1.37 -8.83 -1.45
N PHE B 91 0.61 -9.08 -2.51
CA PHE B 91 0.73 -10.29 -3.31
C PHE B 91 2.09 -10.44 -3.97
N ILE B 92 2.71 -9.30 -4.25
CA ILE B 92 3.91 -9.28 -5.08
C ILE B 92 5.17 -9.49 -4.25
N PHE B 93 5.46 -8.55 -3.35
CA PHE B 93 6.73 -8.49 -2.65
C PHE B 93 6.69 -9.10 -1.25
N ILE B 94 5.51 -9.13 -0.66
CA ILE B 94 5.36 -9.63 0.70
C ILE B 94 4.81 -11.05 0.65
N PHE B 95 3.50 -11.17 0.53
CA PHE B 95 2.79 -12.46 0.54
C PHE B 95 3.39 -13.51 -0.40
N GLY B 96 3.83 -13.06 -1.58
CA GLY B 96 4.34 -13.95 -2.60
C GLY B 96 5.65 -14.66 -2.26
N PRO B 97 6.71 -13.89 -2.00
CA PRO B 97 7.95 -14.55 -1.61
C PRO B 97 7.96 -15.02 -0.15
N LEU B 98 6.98 -14.62 0.67
CA LEU B 98 6.99 -15.03 2.08
C LEU B 98 6.58 -16.49 2.24
N LEU B 99 5.77 -17.01 1.30
CA LEU B 99 5.42 -18.44 1.31
C LEU B 99 6.62 -19.29 0.94
N GLN B 100 7.40 -18.83 -0.04
CA GLN B 100 8.52 -19.58 -0.58
C GLN B 100 9.74 -19.46 0.34
N TYR B 101 10.06 -18.23 0.73
CA TYR B 101 11.30 -17.92 1.43
C TYR B 101 11.35 -18.58 2.82
N ASN B 102 10.58 -18.06 3.77
CA ASN B 102 10.53 -18.61 5.11
C ASN B 102 9.37 -19.58 5.19
N ILE B 103 9.21 -20.22 6.35
CA ILE B 103 8.06 -21.07 6.62
C ILE B 103 6.77 -20.43 6.10
N LEU B 104 5.95 -21.25 5.44
CA LEU B 104 4.66 -20.79 4.94
C LEU B 104 3.88 -20.15 6.08
N VAL B 105 4.04 -20.71 7.29
CA VAL B 105 3.35 -20.23 8.48
C VAL B 105 3.53 -18.73 8.65
N GLY B 106 4.74 -18.25 8.38
CA GLY B 106 5.06 -16.83 8.47
C GLY B 106 4.21 -16.02 7.52
N SER B 107 3.85 -16.64 6.40
CA SER B 107 2.91 -16.06 5.43
C SER B 107 1.45 -16.45 5.67
N ILE B 108 1.22 -17.58 6.33
CA ILE B 108 -0.13 -18.05 6.59
C ILE B 108 -0.80 -17.14 7.61
N VAL B 109 -0.11 -16.89 8.73
CA VAL B 109 -0.54 -15.88 9.69
C VAL B 109 -0.14 -14.47 9.22
N GLY B 110 0.75 -14.40 8.22
CA GLY B 110 0.96 -13.18 7.47
C GLY B 110 -0.13 -12.89 6.44
N GLY B 111 -1.03 -13.87 6.24
CA GLY B 111 -2.15 -13.73 5.32
C GLY B 111 -3.46 -13.50 6.05
N ILE B 112 -3.40 -12.84 7.20
CA ILE B 112 -4.59 -12.36 7.91
C ILE B 112 -5.11 -11.07 7.27
N TYR B 113 -4.19 -10.37 6.61
CA TYR B 113 -4.52 -9.17 5.86
C TYR B 113 -5.69 -9.39 4.92
N LEU B 114 -5.58 -10.42 4.09
CA LEU B 114 -6.61 -10.69 3.09
C LEU B 114 -7.90 -11.25 3.70
N GLY B 115 -7.82 -11.79 4.92
CA GLY B 115 -9.02 -12.12 5.66
C GLY B 115 -9.76 -10.84 6.03
N PHE B 116 -9.01 -9.90 6.59
CA PHE B 116 -9.51 -8.58 6.99
C PHE B 116 -10.19 -7.86 5.82
N CYS B 117 -9.48 -7.75 4.71
CA CYS B 117 -9.91 -6.91 3.59
C CYS B 117 -11.05 -7.50 2.76
N PHE B 118 -11.08 -8.82 2.62
CA PHE B 118 -11.96 -9.47 1.66
C PHE B 118 -12.95 -10.43 2.31
N ASN B 119 -12.45 -11.51 2.90
CA ASN B 119 -13.30 -12.53 3.48
C ASN B 119 -14.16 -11.98 4.62
N ALA B 120 -13.56 -11.07 5.40
CA ALA B 120 -14.20 -10.43 6.54
C ALA B 120 -14.53 -8.95 6.24
N GLY B 121 -13.94 -8.40 5.19
CA GLY B 121 -14.23 -7.02 4.82
C GLY B 121 -15.49 -6.95 3.99
N ALA B 122 -15.53 -7.74 2.93
CA ALA B 122 -16.64 -7.72 1.97
C ALA B 122 -18.03 -7.78 2.63
N PRO B 123 -18.23 -8.70 3.59
CA PRO B 123 -19.56 -8.74 4.24
C PRO B 123 -19.86 -7.45 5.00
N ALA B 124 -18.84 -6.87 5.64
CA ALA B 124 -19.00 -5.65 6.42
C ALA B 124 -19.35 -4.48 5.50
N VAL B 125 -18.75 -4.47 4.31
CA VAL B 125 -19.00 -3.41 3.34
C VAL B 125 -20.45 -3.43 2.91
N GLU B 126 -20.96 -4.61 2.56
CA GLU B 126 -22.35 -4.73 2.15
C GLU B 126 -23.30 -4.41 3.30
N ALA B 127 -22.95 -4.86 4.51
CA ALA B 127 -23.77 -4.63 5.68
C ALA B 127 -23.92 -3.13 5.93
N PHE B 128 -22.84 -2.40 5.72
CA PHE B 128 -22.82 -0.95 5.85
C PHE B 128 -23.76 -0.31 4.83
N ILE B 129 -23.56 -0.68 3.56
CA ILE B 129 -24.24 -0.04 2.45
C ILE B 129 -25.76 -0.24 2.46
N GLU B 130 -26.22 -1.34 3.07
CA GLU B 130 -27.65 -1.58 3.22
C GLU B 130 -28.30 -0.49 4.09
N LYS B 131 -27.53 0.02 5.04
CA LYS B 131 -28.03 1.03 5.97
C LYS B 131 -28.36 2.32 5.22
N VAL B 132 -27.52 2.65 4.24
CA VAL B 132 -27.73 3.84 3.43
C VAL B 132 -29.02 3.66 2.64
N SER B 133 -29.25 2.45 2.16
CA SER B 133 -30.41 2.16 1.31
C SER B 133 -31.73 2.44 2.02
N ARG B 134 -31.76 2.35 3.34
CA ARG B 134 -32.96 2.66 4.11
C ARG B 134 -33.06 4.16 4.43
N ARG B 135 -31.91 4.84 4.49
CA ARG B 135 -31.87 6.29 4.70
C ARG B 135 -32.20 7.02 3.40
N SER B 136 -31.79 6.45 2.28
CA SER B 136 -32.09 7.00 0.96
C SER B 136 -33.36 6.32 0.44
N ASN B 137 -33.57 6.37 -0.86
CA ASN B 137 -34.75 5.75 -1.49
C ASN B 137 -34.42 4.41 -2.14
N PHE B 138 -33.36 4.40 -2.94
CA PHE B 138 -32.99 3.25 -3.76
C PHE B 138 -32.88 1.96 -2.96
N GLU B 139 -32.83 0.84 -3.67
CA GLU B 139 -32.70 -0.47 -3.04
C GLU B 139 -31.29 -1.02 -3.21
N PHE B 140 -30.88 -1.82 -2.23
CA PHE B 140 -29.58 -2.50 -2.22
C PHE B 140 -29.23 -3.25 -3.51
N GLY B 141 -30.25 -3.72 -4.23
CA GLY B 141 -30.03 -4.60 -5.36
C GLY B 141 -29.39 -3.94 -6.58
N ARG B 142 -29.91 -2.78 -6.96
CA ARG B 142 -29.36 -2.03 -8.10
C ARG B 142 -28.01 -1.39 -7.75
N ALA B 143 -27.74 -1.24 -6.46
CA ALA B 143 -26.47 -0.69 -5.98
C ALA B 143 -25.37 -1.73 -6.12
N ARG B 144 -25.65 -2.92 -5.59
CA ARG B 144 -24.73 -4.04 -5.59
C ARG B 144 -24.65 -4.70 -6.98
N MET B 145 -25.62 -4.36 -7.82
CA MET B 145 -25.63 -4.79 -9.22
C MET B 145 -24.29 -4.57 -9.89
N PHE B 146 -23.70 -3.41 -9.62
CA PHE B 146 -22.44 -3.04 -10.24
C PHE B 146 -21.28 -3.88 -9.74
N GLY B 147 -21.35 -4.29 -8.48
CA GLY B 147 -20.35 -5.16 -7.90
C GLY B 147 -20.12 -6.44 -8.70
N CYS B 148 -21.18 -6.92 -9.37
CA CYS B 148 -21.10 -8.13 -10.18
C CYS B 148 -20.38 -7.88 -11.50
N VAL B 149 -20.77 -6.82 -12.20
CA VAL B 149 -20.09 -6.41 -13.43
C VAL B 149 -18.68 -5.88 -13.12
N GLY B 150 -18.46 -5.41 -11.90
CA GLY B 150 -17.13 -5.03 -11.45
C GLY B 150 -16.31 -6.29 -11.28
N TRP B 151 -16.92 -7.29 -10.64
CA TRP B 151 -16.31 -8.60 -10.46
C TRP B 151 -16.07 -9.28 -11.80
N ALA B 152 -16.97 -9.04 -12.75
CA ALA B 152 -16.87 -9.61 -14.09
C ALA B 152 -15.59 -9.14 -14.77
N LEU B 153 -15.44 -7.82 -14.83
CA LEU B 153 -14.34 -7.18 -15.56
C LEU B 153 -12.97 -7.66 -15.12
N CYS B 154 -12.81 -7.85 -13.82
CA CYS B 154 -11.51 -8.26 -13.32
C CYS B 154 -11.16 -9.65 -13.85
N ALA B 155 -12.05 -10.62 -13.68
CA ALA B 155 -11.82 -11.96 -14.17
C ALA B 155 -11.56 -11.96 -15.69
N SER B 156 -12.15 -10.98 -16.38
CA SER B 156 -11.98 -10.86 -17.83
C SER B 156 -10.62 -10.26 -18.20
N ILE B 157 -10.14 -9.34 -17.37
CA ILE B 157 -8.85 -8.67 -17.61
C ILE B 157 -7.66 -9.47 -17.08
N VAL B 158 -7.94 -10.51 -16.29
CA VAL B 158 -6.88 -11.41 -15.80
C VAL B 158 -6.46 -12.39 -16.88
N GLY B 159 -7.40 -13.22 -17.32
CA GLY B 159 -7.14 -14.27 -18.27
C GLY B 159 -6.47 -13.77 -19.53
N ILE B 160 -6.81 -12.56 -19.94
CA ILE B 160 -6.25 -11.96 -21.16
C ILE B 160 -4.85 -11.38 -20.94
N MET B 161 -4.60 -10.86 -19.72
CA MET B 161 -3.28 -10.38 -19.34
C MET B 161 -2.45 -11.46 -18.64
N PHE B 162 -2.97 -12.68 -18.56
CA PHE B 162 -2.28 -13.76 -17.86
C PHE B 162 -1.07 -14.26 -18.64
N THR B 163 -1.25 -14.44 -19.95
CA THR B 163 -0.18 -14.89 -20.81
C THR B 163 0.89 -13.81 -20.97
N ILE B 164 0.46 -12.55 -20.88
CA ILE B 164 1.37 -11.42 -21.10
C ILE B 164 2.11 -11.06 -19.80
N ASN B 165 1.52 -10.20 -18.97
CA ASN B 165 2.11 -9.80 -17.69
C ASN B 165 1.01 -9.82 -16.65
N ASN B 166 0.83 -10.96 -15.99
CA ASN B 166 -0.27 -11.15 -15.04
C ASN B 166 -0.24 -10.17 -13.87
N GLN B 167 0.94 -9.65 -13.55
CA GLN B 167 1.11 -8.72 -12.43
C GLN B 167 0.35 -7.41 -12.63
N PHE B 168 0.19 -6.99 -13.90
CA PHE B 168 -0.50 -5.75 -14.25
C PHE B 168 -1.84 -5.57 -13.53
N VAL B 169 -2.48 -6.69 -13.21
CA VAL B 169 -3.80 -6.67 -12.60
C VAL B 169 -3.74 -6.26 -11.13
N PHE B 170 -2.70 -6.70 -10.42
CA PHE B 170 -2.55 -6.40 -9.01
C PHE B 170 -2.35 -4.92 -8.76
N TRP B 171 -1.53 -4.28 -9.58
CA TRP B 171 -1.34 -2.84 -9.52
C TRP B 171 -2.65 -2.15 -9.87
N LEU B 172 -3.37 -2.73 -10.83
CA LEU B 172 -4.69 -2.23 -11.22
C LEU B 172 -5.64 -2.22 -10.02
N GLY B 173 -5.49 -3.23 -9.16
CA GLY B 173 -6.31 -3.34 -7.98
C GLY B 173 -6.06 -2.22 -6.98
N SER B 174 -4.79 -2.04 -6.60
CA SER B 174 -4.44 -1.03 -5.62
C SER B 174 -4.72 0.40 -6.10
N GLY B 175 -4.88 0.57 -7.41
CA GLY B 175 -5.32 1.85 -7.95
C GLY B 175 -6.81 2.02 -7.75
N CYS B 176 -7.56 0.93 -7.87
CA CYS B 176 -8.99 0.96 -7.59
C CYS B 176 -9.26 1.35 -6.14
N ALA B 177 -8.36 0.99 -5.23
CA ALA B 177 -8.49 1.32 -3.81
C ALA B 177 -8.51 2.83 -3.58
N LEU B 178 -7.71 3.57 -4.35
CA LEU B 178 -7.64 5.01 -4.21
C LEU B 178 -8.91 5.65 -4.75
N ILE B 179 -9.20 5.42 -6.03
CA ILE B 179 -10.44 5.91 -6.64
C ILE B 179 -11.65 5.51 -5.81
N LEU B 180 -11.53 4.37 -5.14
CA LEU B 180 -12.57 3.88 -4.26
C LEU B 180 -12.62 4.72 -2.97
N ALA B 181 -11.44 5.10 -2.46
CA ALA B 181 -11.33 5.97 -1.30
C ALA B 181 -11.76 7.41 -1.62
N VAL B 182 -11.62 7.80 -2.89
CA VAL B 182 -12.07 9.12 -3.34
C VAL B 182 -13.57 9.21 -3.14
N LEU B 183 -14.27 8.19 -3.59
CA LEU B 183 -15.72 8.11 -3.47
C LEU B 183 -16.15 8.24 -2.01
N LEU B 184 -15.42 7.55 -1.15
CA LEU B 184 -15.74 7.55 0.27
C LEU B 184 -15.71 8.95 0.89
N PHE B 185 -14.87 9.80 0.33
CA PHE B 185 -14.73 11.17 0.80
C PHE B 185 -15.91 12.05 0.36
N PHE B 186 -16.26 11.96 -0.92
CA PHE B 186 -17.37 12.71 -1.47
C PHE B 186 -18.71 12.22 -0.94
N ALA B 187 -18.74 11.00 -0.42
CA ALA B 187 -19.95 10.45 0.19
C ALA B 187 -20.37 11.36 1.35
N LYS B 188 -21.65 11.73 1.36
CA LYS B 188 -22.21 12.52 2.44
C LYS B 188 -23.32 11.72 3.09
N THR B 189 -23.35 11.74 4.43
CA THR B 189 -24.34 10.97 5.18
C THR B 189 -24.90 11.77 6.36
N ASP B 190 -25.94 11.22 7.00
CA ASP B 190 -26.65 11.86 8.11
C ASP B 190 -27.26 13.20 7.69
N ALA B 207 -27.81 3.78 18.76
CA ALA B 207 -26.70 2.95 19.23
C ALA B 207 -27.24 1.79 20.07
N PHE B 208 -26.34 0.96 20.60
CA PHE B 208 -26.72 -0.19 21.40
C PHE B 208 -25.71 -0.46 22.52
N SER B 209 -26.06 -1.40 23.41
CA SER B 209 -25.15 -1.88 24.44
C SER B 209 -25.03 -3.40 24.36
N LEU B 210 -23.87 -3.91 24.76
CA LEU B 210 -23.55 -5.32 24.54
C LEU B 210 -24.49 -6.29 25.24
N LYS B 211 -25.24 -5.82 26.23
CA LYS B 211 -26.22 -6.68 26.89
C LYS B 211 -27.25 -7.22 25.91
N LEU B 212 -27.54 -6.44 24.88
CA LEU B 212 -28.51 -6.82 23.86
C LEU B 212 -27.95 -7.86 22.88
N ALA B 213 -26.63 -8.05 22.88
CA ALA B 213 -26.00 -9.14 22.14
C ALA B 213 -26.39 -10.49 22.74
N LEU B 214 -26.05 -10.71 24.01
CA LEU B 214 -26.36 -11.96 24.71
C LEU B 214 -27.84 -12.33 24.63
N GLU B 215 -28.71 -11.32 24.55
CA GLU B 215 -30.15 -11.56 24.45
C GLU B 215 -30.53 -12.28 23.15
N LEU B 216 -29.78 -12.01 22.08
CA LEU B 216 -30.06 -12.63 20.78
C LEU B 216 -29.80 -14.14 20.77
N PHE B 217 -28.80 -14.59 21.53
CA PHE B 217 -28.56 -16.01 21.72
C PHE B 217 -29.72 -16.67 22.49
N ARG B 218 -30.39 -15.88 23.33
CA ARG B 218 -31.57 -16.37 24.02
C ARG B 218 -32.73 -16.54 23.02
N GLN B 219 -32.82 -15.62 22.06
CA GLN B 219 -33.90 -15.66 21.08
C GLN B 219 -33.86 -16.91 20.18
N PRO B 220 -34.94 -17.70 20.15
CA PRO B 220 -35.00 -18.88 19.28
C PRO B 220 -34.83 -18.53 17.80
N LYS B 221 -35.47 -17.44 17.38
CA LYS B 221 -35.45 -17.02 15.99
C LYS B 221 -34.09 -16.59 15.46
N LEU B 222 -33.09 -16.52 16.35
CA LEU B 222 -31.71 -16.40 15.91
C LEU B 222 -31.18 -17.75 15.46
N TRP B 223 -31.45 -18.79 16.24
CA TRP B 223 -30.98 -20.14 15.94
C TRP B 223 -31.60 -20.64 14.63
N PHE B 224 -32.89 -20.38 14.48
CA PHE B 224 -33.66 -20.81 13.32
C PHE B 224 -33.05 -20.37 11.99
N LEU B 225 -32.34 -19.24 12.00
CA LEU B 225 -31.70 -18.74 10.80
C LEU B 225 -30.32 -19.35 10.63
N SER B 226 -29.61 -19.55 11.74
CA SER B 226 -28.30 -20.19 11.69
C SER B 226 -28.43 -21.59 11.10
N LEU B 227 -29.57 -22.23 11.36
CA LEU B 227 -29.85 -23.55 10.80
C LEU B 227 -29.92 -23.46 9.29
N TYR B 228 -30.68 -22.46 8.82
CA TYR B 228 -30.84 -22.26 7.40
C TYR B 228 -29.50 -22.01 6.71
N VAL B 229 -28.60 -21.31 7.38
CA VAL B 229 -27.29 -20.99 6.80
C VAL B 229 -26.38 -22.21 6.81
N ILE B 230 -26.20 -22.81 7.99
CA ILE B 230 -25.40 -24.02 8.16
C ILE B 230 -25.81 -25.11 7.19
N GLY B 231 -27.12 -25.34 7.09
CA GLY B 231 -27.64 -26.41 6.29
C GLY B 231 -27.55 -26.14 4.81
N VAL B 232 -27.88 -24.91 4.42
CA VAL B 232 -28.06 -24.58 3.00
C VAL B 232 -26.88 -23.83 2.37
N SER B 233 -26.35 -22.83 3.06
CA SER B 233 -25.30 -21.96 2.49
C SER B 233 -23.89 -22.50 2.74
N CYS B 234 -23.66 -23.05 3.93
CA CYS B 234 -22.36 -23.64 4.26
C CYS B 234 -22.10 -24.90 3.43
N THR B 235 -23.16 -25.68 3.22
CA THR B 235 -23.10 -26.88 2.42
C THR B 235 -22.92 -26.54 0.93
N TYR B 236 -23.40 -25.38 0.54
CA TYR B 236 -23.29 -24.92 -0.84
C TYR B 236 -21.90 -24.33 -1.13
N ASP B 237 -21.25 -23.79 -0.10
CA ASP B 237 -19.94 -23.17 -0.27
C ASP B 237 -18.83 -24.21 -0.36
N VAL B 238 -18.96 -25.30 0.40
CA VAL B 238 -18.03 -26.42 0.27
C VAL B 238 -18.20 -27.09 -1.10
N PHE B 239 -19.42 -27.08 -1.62
CA PHE B 239 -19.72 -27.65 -2.93
C PHE B 239 -19.02 -26.87 -4.05
N ASP B 240 -19.00 -25.56 -3.94
CA ASP B 240 -18.42 -24.71 -4.98
C ASP B 240 -16.90 -24.86 -5.10
N GLN B 241 -16.27 -25.48 -4.10
CA GLN B 241 -14.82 -25.62 -4.06
C GLN B 241 -14.29 -26.40 -5.26
N GLN B 242 -14.51 -27.72 -5.26
CA GLN B 242 -13.94 -28.60 -6.29
C GLN B 242 -14.89 -28.77 -7.49
N PHE B 243 -15.80 -27.83 -7.67
CA PHE B 243 -16.70 -27.87 -8.81
C PHE B 243 -15.98 -27.54 -10.12
N ALA B 244 -14.98 -26.67 -10.06
CA ALA B 244 -14.22 -26.26 -11.24
C ALA B 244 -13.37 -27.39 -11.79
N ASN B 245 -12.78 -28.19 -10.90
CA ASN B 245 -12.02 -29.36 -11.30
C ASN B 245 -12.95 -30.44 -11.84
N PHE B 246 -14.07 -30.63 -11.15
CA PHE B 246 -15.14 -31.52 -11.57
C PHE B 246 -15.69 -31.12 -12.95
N PHE B 247 -15.70 -29.82 -13.21
CA PHE B 247 -16.22 -29.25 -14.46
C PHE B 247 -15.35 -29.63 -15.64
N THR B 248 -14.03 -29.51 -15.48
CA THR B 248 -13.07 -29.86 -16.52
C THR B 248 -12.99 -31.37 -16.83
N SER B 249 -13.54 -32.18 -15.93
CA SER B 249 -13.54 -33.64 -16.10
C SER B 249 -14.56 -34.12 -17.13
N PHE B 250 -15.51 -33.25 -17.48
CA PHE B 250 -16.46 -33.53 -18.55
C PHE B 250 -15.94 -33.07 -19.92
N PHE B 251 -14.61 -32.96 -20.04
CA PHE B 251 -13.98 -32.68 -21.32
C PHE B 251 -12.83 -33.66 -21.51
N ALA B 252 -12.65 -34.11 -22.75
CA ALA B 252 -11.54 -34.98 -23.10
C ALA B 252 -10.23 -34.29 -22.73
N THR B 253 -10.08 -33.05 -23.19
CA THR B 253 -8.92 -32.24 -22.85
C THR B 253 -9.21 -31.41 -21.61
N GLY B 254 -8.44 -31.63 -20.54
CA GLY B 254 -8.61 -30.90 -19.30
C GLY B 254 -8.44 -29.40 -19.47
N GLU B 255 -7.79 -28.99 -20.57
CA GLU B 255 -7.59 -27.58 -20.87
C GLU B 255 -8.88 -26.90 -21.33
N GLN B 256 -9.55 -27.49 -22.33
CA GLN B 256 -10.71 -26.86 -22.94
C GLN B 256 -11.84 -26.63 -21.94
N GLY B 257 -11.88 -27.43 -20.89
CA GLY B 257 -12.83 -27.23 -19.80
C GLY B 257 -12.44 -26.04 -18.95
N THR B 258 -11.14 -25.88 -18.72
CA THR B 258 -10.63 -24.77 -17.91
C THR B 258 -10.88 -23.45 -18.65
N ARG B 259 -10.80 -23.50 -19.97
CA ARG B 259 -11.09 -22.34 -20.81
C ARG B 259 -12.56 -21.97 -20.69
N VAL B 260 -13.44 -22.85 -21.16
CA VAL B 260 -14.87 -22.57 -21.16
C VAL B 260 -15.39 -22.26 -19.75
N PHE B 261 -14.74 -22.80 -18.73
CA PHE B 261 -15.08 -22.46 -17.35
C PHE B 261 -14.92 -20.97 -17.11
N TRP B 262 -13.84 -20.41 -17.63
CA TRP B 262 -13.58 -18.97 -17.54
C TRP B 262 -14.63 -18.19 -18.33
N TYR B 263 -14.96 -18.67 -19.53
CA TYR B 263 -15.92 -17.99 -20.40
C TYR B 263 -17.32 -17.86 -19.78
N VAL B 264 -17.70 -18.83 -18.96
CA VAL B 264 -19.02 -18.84 -18.34
C VAL B 264 -19.07 -17.87 -17.16
N THR B 265 -18.04 -17.90 -16.33
CA THR B 265 -17.98 -17.07 -15.13
C THR B 265 -18.04 -15.60 -15.50
N THR B 266 -17.53 -15.25 -16.69
CA THR B 266 -17.50 -13.87 -17.14
C THR B 266 -18.87 -13.37 -17.56
N MET B 267 -19.46 -14.03 -18.55
CA MET B 267 -20.80 -13.68 -19.03
C MET B 267 -21.85 -13.84 -17.93
N GLY B 268 -21.63 -14.82 -17.04
CA GLY B 268 -22.59 -15.12 -16.00
C GLY B 268 -22.84 -14.01 -15.00
N GLU B 269 -21.90 -13.08 -14.88
CA GLU B 269 -22.06 -11.93 -13.97
C GLU B 269 -22.93 -10.85 -14.59
N LEU B 270 -22.89 -10.75 -15.91
CA LEU B 270 -23.79 -9.86 -16.61
C LEU B 270 -25.23 -10.29 -16.38
N LEU B 271 -25.42 -11.57 -16.08
CA LEU B 271 -26.73 -12.06 -15.68
C LEU B 271 -27.06 -11.60 -14.27
N ASN B 272 -26.10 -11.71 -13.34
CA ASN B 272 -26.33 -11.21 -12.00
C ASN B 272 -26.71 -9.74 -11.99
N ALA B 273 -26.10 -8.97 -12.87
CA ALA B 273 -26.50 -7.58 -13.02
C ALA B 273 -27.93 -7.50 -13.57
N SER B 274 -28.25 -8.44 -14.47
CA SER B 274 -29.58 -8.56 -15.07
C SER B 274 -30.64 -9.07 -14.08
N ILE B 275 -30.24 -9.94 -13.16
CA ILE B 275 -31.18 -10.55 -12.20
C ILE B 275 -31.39 -9.56 -11.05
N MET B 276 -30.29 -8.99 -10.56
CA MET B 276 -30.34 -8.00 -9.49
C MET B 276 -31.02 -6.70 -9.94
N PHE B 277 -31.26 -6.57 -11.25
CA PHE B 277 -32.02 -5.46 -11.80
C PHE B 277 -33.41 -5.37 -11.13
N PHE B 278 -34.19 -6.43 -11.27
CA PHE B 278 -35.56 -6.46 -10.75
C PHE B 278 -35.67 -7.26 -9.45
N ALA B 279 -34.58 -7.92 -9.04
CA ALA B 279 -34.58 -8.74 -7.83
C ALA B 279 -35.17 -8.01 -6.62
N PRO B 280 -34.63 -6.82 -6.28
CA PRO B 280 -35.08 -6.19 -5.03
C PRO B 280 -36.55 -5.76 -5.04
N LEU B 281 -37.19 -5.75 -6.20
CA LEU B 281 -38.61 -5.43 -6.31
C LEU B 281 -39.48 -6.67 -6.14
N ILE B 282 -38.96 -7.82 -6.57
CA ILE B 282 -39.70 -9.08 -6.49
C ILE B 282 -39.81 -9.56 -5.04
N ILE B 283 -38.76 -9.37 -4.26
CA ILE B 283 -38.72 -9.86 -2.88
C ILE B 283 -39.78 -9.16 -2.04
N ASN B 284 -39.96 -7.87 -2.29
CA ASN B 284 -40.87 -7.03 -1.51
C ASN B 284 -42.33 -7.50 -1.49
N ARG B 285 -42.73 -8.23 -2.53
CA ARG B 285 -44.07 -8.84 -2.59
C ARG B 285 -44.04 -10.21 -1.95
N ILE B 286 -42.98 -10.95 -2.26
CA ILE B 286 -42.80 -12.32 -1.79
C ILE B 286 -42.52 -12.40 -0.29
N GLY B 287 -42.10 -11.28 0.30
CA GLY B 287 -41.78 -11.22 1.72
C GLY B 287 -40.30 -11.06 1.94
N GLY B 288 -39.57 -12.17 1.85
CA GLY B 288 -38.14 -12.18 2.06
C GLY B 288 -37.70 -13.40 2.82
N LYS B 289 -38.62 -13.99 3.58
CA LYS B 289 -38.43 -15.34 4.08
C LYS B 289 -38.45 -16.27 2.88
N ASN B 290 -39.52 -16.15 2.10
CA ASN B 290 -39.73 -17.00 0.93
C ASN B 290 -38.71 -16.72 -0.19
N ALA B 291 -37.96 -15.64 -0.07
CA ALA B 291 -36.82 -15.38 -0.95
C ALA B 291 -35.72 -16.38 -0.64
N LEU B 292 -35.42 -16.52 0.64
CA LEU B 292 -34.39 -17.44 1.10
C LEU B 292 -34.75 -18.87 0.74
N LEU B 293 -36.02 -19.22 0.88
CA LEU B 293 -36.47 -20.55 0.51
C LEU B 293 -36.14 -20.75 -0.97
N LEU B 294 -36.48 -19.75 -1.77
CA LEU B 294 -36.24 -19.80 -3.21
C LEU B 294 -34.76 -19.92 -3.55
N ALA B 295 -33.91 -19.25 -2.77
CA ALA B 295 -32.46 -19.33 -2.98
C ALA B 295 -31.99 -20.74 -2.67
N GLY B 296 -32.31 -21.20 -1.46
CA GLY B 296 -31.93 -22.53 -1.01
C GLY B 296 -32.40 -23.60 -1.96
N THR B 297 -33.51 -23.33 -2.65
CA THR B 297 -34.02 -24.25 -3.67
C THR B 297 -33.11 -24.27 -4.89
N ILE B 298 -32.77 -23.08 -5.40
CA ILE B 298 -31.93 -22.98 -6.61
C ILE B 298 -30.56 -23.57 -6.35
N MET B 299 -30.03 -23.29 -5.16
CA MET B 299 -28.81 -23.90 -4.67
C MET B 299 -28.93 -25.40 -4.76
N SER B 300 -30.02 -25.90 -4.19
CA SER B 300 -30.23 -27.32 -3.97
C SER B 300 -30.48 -28.08 -5.28
N VAL B 301 -31.14 -27.44 -6.24
CA VAL B 301 -31.41 -28.05 -7.54
C VAL B 301 -30.10 -28.16 -8.31
N ARG B 302 -29.30 -27.10 -8.24
CA ARG B 302 -28.04 -27.05 -8.95
C ARG B 302 -27.12 -28.18 -8.50
N ILE B 303 -26.97 -28.31 -7.18
CA ILE B 303 -26.10 -29.31 -6.58
C ILE B 303 -26.57 -30.74 -6.86
N ILE B 304 -27.86 -30.99 -6.74
CA ILE B 304 -28.41 -32.32 -6.96
C ILE B 304 -28.33 -32.67 -8.44
N GLY B 305 -28.51 -31.66 -9.29
CA GLY B 305 -28.39 -31.83 -10.72
C GLY B 305 -26.98 -32.23 -11.18
N SER B 306 -25.97 -31.98 -10.33
CA SER B 306 -24.60 -32.45 -10.63
C SER B 306 -24.47 -33.97 -10.53
N SER B 307 -25.43 -34.60 -9.88
CA SER B 307 -25.40 -36.05 -9.64
C SER B 307 -26.07 -36.83 -10.77
N PHE B 308 -26.85 -36.15 -11.60
CA PHE B 308 -27.46 -36.74 -12.79
C PHE B 308 -26.83 -36.20 -14.08
N ALA B 309 -25.87 -35.27 -13.95
CA ALA B 309 -25.20 -34.68 -15.11
C ALA B 309 -24.04 -35.57 -15.54
N THR B 310 -24.03 -35.96 -16.81
CA THR B 310 -22.98 -36.81 -17.37
C THR B 310 -22.19 -36.15 -18.52
N SER B 311 -22.78 -35.12 -19.13
CA SER B 311 -22.20 -34.49 -20.31
C SER B 311 -21.70 -33.09 -19.99
N ALA B 312 -21.06 -32.46 -20.97
CA ALA B 312 -20.59 -31.08 -20.83
C ALA B 312 -21.77 -30.12 -20.90
N LEU B 313 -22.65 -30.35 -21.87
CA LEU B 313 -23.83 -29.50 -22.04
C LEU B 313 -24.66 -29.41 -20.77
N GLU B 314 -24.61 -30.47 -19.96
CA GLU B 314 -25.37 -30.52 -18.71
C GLU B 314 -24.68 -29.74 -17.61
N VAL B 315 -23.41 -30.04 -17.36
CA VAL B 315 -22.68 -29.46 -16.22
C VAL B 315 -22.59 -27.92 -16.28
N VAL B 316 -22.61 -27.37 -17.49
CA VAL B 316 -22.50 -25.93 -17.69
C VAL B 316 -23.71 -25.17 -17.18
N ILE B 317 -24.89 -25.66 -17.56
CA ILE B 317 -26.15 -25.03 -17.16
C ILE B 317 -26.13 -24.83 -15.65
N LEU B 318 -25.51 -25.77 -14.95
CA LEU B 318 -25.48 -25.80 -13.50
C LEU B 318 -24.68 -24.63 -12.95
N LYS B 319 -23.50 -24.39 -13.52
CA LYS B 319 -22.69 -23.25 -13.13
C LYS B 319 -23.47 -21.95 -13.27
N THR B 320 -24.37 -21.90 -14.24
CA THR B 320 -25.20 -20.73 -14.48
C THR B 320 -26.34 -20.59 -13.45
N LEU B 321 -26.78 -21.70 -12.87
CA LEU B 321 -27.81 -21.67 -11.83
C LEU B 321 -27.37 -20.87 -10.61
N HIS B 322 -26.05 -20.79 -10.41
CA HIS B 322 -25.50 -19.97 -9.34
C HIS B 322 -25.83 -18.49 -9.54
N MET B 323 -25.89 -18.07 -10.79
CA MET B 323 -26.12 -16.66 -11.14
C MET B 323 -27.57 -16.22 -10.89
N PHE B 324 -28.49 -17.17 -10.92
CA PHE B 324 -29.88 -16.89 -10.54
C PHE B 324 -29.99 -16.81 -9.03
N GLU B 325 -29.30 -17.72 -8.35
CA GLU B 325 -29.45 -17.93 -6.92
C GLU B 325 -28.95 -16.77 -6.05
N VAL B 326 -27.80 -16.22 -6.40
CA VAL B 326 -27.12 -15.23 -5.54
C VAL B 326 -27.98 -13.99 -5.24
N PRO B 327 -28.54 -13.35 -6.27
CA PRO B 327 -29.44 -12.21 -6.05
C PRO B 327 -30.55 -12.49 -5.02
N PHE B 328 -31.20 -13.66 -5.11
CA PHE B 328 -32.31 -14.01 -4.20
C PHE B 328 -31.85 -14.38 -2.80
N LEU B 329 -30.53 -14.52 -2.60
CA LEU B 329 -29.98 -14.84 -1.30
C LEU B 329 -29.61 -13.58 -0.54
N LEU B 330 -28.68 -12.80 -1.08
CA LEU B 330 -28.09 -11.70 -0.34
C LEU B 330 -29.00 -10.47 -0.28
N VAL B 331 -29.81 -10.26 -1.32
CA VAL B 331 -30.80 -9.19 -1.27
C VAL B 331 -31.87 -9.64 -0.29
N GLY B 332 -32.42 -10.82 -0.54
CA GLY B 332 -33.49 -11.39 0.26
C GLY B 332 -33.08 -11.62 1.71
N CYS B 333 -31.77 -11.79 1.94
CA CYS B 333 -31.25 -11.94 3.29
C CYS B 333 -31.55 -10.69 4.11
N PHE B 334 -31.02 -9.55 3.67
CA PHE B 334 -31.23 -8.30 4.38
C PHE B 334 -32.70 -7.96 4.53
N LYS B 335 -33.51 -8.30 3.54
CA LYS B 335 -34.94 -8.09 3.63
C LYS B 335 -35.50 -8.83 4.83
N TYR B 336 -35.10 -10.10 4.96
CA TYR B 336 -35.56 -10.95 6.05
C TYR B 336 -35.00 -10.49 7.40
N ILE B 337 -33.76 -9.99 7.38
CA ILE B 337 -33.12 -9.46 8.58
C ILE B 337 -33.89 -8.25 9.11
N THR B 338 -33.94 -7.20 8.30
CA THR B 338 -34.57 -5.94 8.68
C THR B 338 -36.08 -6.11 8.92
N SER B 339 -36.69 -7.07 8.24
CA SER B 339 -38.12 -7.35 8.40
C SER B 339 -38.39 -8.32 9.58
N GLN B 340 -37.43 -8.47 10.47
CA GLN B 340 -37.57 -9.36 11.63
C GLN B 340 -36.92 -8.75 12.88
N PHE B 341 -35.64 -8.40 12.77
CA PHE B 341 -34.89 -7.79 13.86
C PHE B 341 -34.80 -6.28 13.63
N GLU B 342 -34.41 -5.54 14.67
CA GLU B 342 -34.31 -4.10 14.58
C GLU B 342 -33.18 -3.74 13.61
N VAL B 343 -33.35 -2.65 12.88
CA VAL B 343 -32.37 -2.27 11.85
C VAL B 343 -31.04 -1.93 12.53
N ARG B 344 -31.11 -1.42 13.76
CA ARG B 344 -29.93 -1.14 14.56
C ARG B 344 -29.05 -2.37 14.87
N PHE B 345 -29.55 -3.57 14.56
CA PHE B 345 -28.75 -4.80 14.67
C PHE B 345 -28.61 -5.55 13.34
N SER B 346 -29.00 -4.90 12.23
CA SER B 346 -28.99 -5.55 10.92
C SER B 346 -27.57 -5.93 10.47
N ALA B 347 -26.57 -5.20 10.94
CA ALA B 347 -25.20 -5.42 10.51
C ALA B 347 -24.55 -6.56 11.29
N THR B 348 -24.78 -6.59 12.60
CA THR B 348 -24.13 -7.55 13.47
C THR B 348 -24.45 -8.97 13.04
N ILE B 349 -25.74 -9.31 13.09
CA ILE B 349 -26.16 -10.68 12.82
C ILE B 349 -25.86 -11.15 11.39
N TYR B 350 -25.71 -10.21 10.45
CA TYR B 350 -25.31 -10.59 9.09
C TYR B 350 -23.85 -11.06 9.03
N LEU B 351 -23.01 -10.53 9.91
CA LEU B 351 -21.60 -10.94 10.00
C LEU B 351 -21.35 -12.03 11.04
N VAL B 352 -22.43 -12.56 11.61
CA VAL B 352 -22.35 -13.68 12.55
C VAL B 352 -23.01 -14.91 11.94
N CYS B 353 -24.31 -14.81 11.65
CA CYS B 353 -25.05 -15.94 11.09
C CYS B 353 -24.58 -16.34 9.70
N PHE B 354 -24.58 -15.39 8.77
CA PHE B 354 -24.14 -15.65 7.39
C PHE B 354 -22.62 -15.62 7.20
N CYS B 355 -21.87 -15.58 8.30
CA CYS B 355 -20.42 -15.52 8.21
C CYS B 355 -19.77 -16.39 9.28
N PHE B 356 -19.69 -15.87 10.51
CA PHE B 356 -18.95 -16.56 11.57
C PHE B 356 -19.39 -18.02 11.71
N PHE B 357 -20.70 -18.26 11.64
CA PHE B 357 -21.26 -19.60 11.75
C PHE B 357 -21.09 -20.37 10.44
N LYS B 358 -21.40 -19.72 9.32
CA LYS B 358 -21.19 -20.32 8.00
C LYS B 358 -19.73 -20.74 7.82
N GLN B 359 -18.83 -20.03 8.48
CA GLN B 359 -17.41 -20.32 8.39
C GLN B 359 -17.08 -21.48 9.30
N LEU B 360 -17.66 -21.46 10.50
CA LEU B 360 -17.41 -22.48 11.52
C LEU B 360 -17.88 -23.86 11.05
N ALA B 361 -18.97 -23.88 10.27
CA ALA B 361 -19.50 -25.12 9.73
C ALA B 361 -18.71 -25.59 8.51
N MET B 362 -18.37 -24.65 7.63
CA MET B 362 -17.59 -24.93 6.44
C MET B 362 -16.22 -25.53 6.78
N ILE B 363 -15.77 -25.35 8.03
CA ILE B 363 -14.59 -26.05 8.51
C ILE B 363 -14.84 -27.56 8.49
N PHE B 364 -15.95 -27.99 9.09
CA PHE B 364 -16.22 -29.42 9.24
C PHE B 364 -16.78 -30.04 7.97
N MET B 365 -17.47 -29.25 7.15
CA MET B 365 -18.09 -29.77 5.93
C MET B 365 -17.13 -29.79 4.74
N SER B 366 -16.06 -29.00 4.81
CA SER B 366 -15.00 -29.07 3.79
C SER B 366 -14.09 -30.27 4.08
N VAL B 367 -14.06 -30.70 5.34
CA VAL B 367 -13.33 -31.91 5.72
C VAL B 367 -14.06 -33.16 5.24
N LEU B 368 -15.22 -33.44 5.82
CA LEU B 368 -15.96 -34.65 5.47
C LEU B 368 -16.37 -34.68 3.99
N ALA B 369 -16.23 -33.54 3.29
CA ALA B 369 -16.34 -33.51 1.83
C ALA B 369 -15.19 -34.28 1.17
N GLY B 370 -13.97 -33.93 1.55
CA GLY B 370 -12.77 -34.60 1.05
C GLY B 370 -12.77 -36.09 1.36
N ASN B 371 -13.35 -36.45 2.51
CA ASN B 371 -13.48 -37.84 2.93
C ASN B 371 -14.68 -38.57 2.28
N MET B 372 -15.35 -37.89 1.35
CA MET B 372 -16.43 -38.46 0.56
C MET B 372 -16.01 -38.56 -0.92
N TYR B 373 -15.40 -37.50 -1.43
CA TYR B 373 -14.82 -37.50 -2.78
C TYR B 373 -13.90 -38.69 -3.02
N GLU B 374 -12.80 -38.73 -2.27
CA GLU B 374 -11.80 -39.78 -2.43
C GLU B 374 -12.33 -41.14 -1.94
N SER B 375 -13.41 -41.11 -1.16
CA SER B 375 -14.05 -42.32 -0.65
C SER B 375 -15.09 -42.89 -1.62
N ILE B 376 -16.26 -42.25 -1.69
CA ILE B 376 -17.38 -42.71 -2.51
C ILE B 376 -17.50 -42.02 -3.87
N GLY B 377 -16.70 -40.97 -4.10
CA GLY B 377 -16.66 -40.31 -5.41
C GLY B 377 -17.30 -38.93 -5.45
N PHE B 378 -17.25 -38.29 -6.61
CA PHE B 378 -17.84 -36.95 -6.81
C PHE B 378 -19.35 -36.96 -6.64
N GLN B 379 -20.05 -37.51 -7.64
CA GLN B 379 -21.51 -37.48 -7.67
C GLN B 379 -22.14 -38.19 -6.47
N GLY B 380 -21.45 -39.22 -5.97
CA GLY B 380 -21.91 -39.93 -4.78
C GLY B 380 -21.91 -39.06 -3.54
N ALA B 381 -21.08 -38.02 -3.54
CA ALA B 381 -21.04 -37.02 -2.47
C ALA B 381 -22.02 -35.87 -2.77
N TYR B 382 -22.05 -35.43 -4.02
CA TYR B 382 -22.95 -34.35 -4.46
C TYR B 382 -24.42 -34.72 -4.26
N LEU B 383 -24.70 -36.02 -4.15
CA LEU B 383 -26.05 -36.46 -3.80
C LEU B 383 -26.32 -36.22 -2.33
N VAL B 384 -25.39 -36.60 -1.47
CA VAL B 384 -25.57 -36.47 -0.03
C VAL B 384 -25.74 -35.01 0.33
N LEU B 385 -24.79 -34.18 -0.10
CA LEU B 385 -24.83 -32.74 0.13
C LEU B 385 -26.09 -32.12 -0.44
N GLY B 386 -26.47 -32.57 -1.64
CA GLY B 386 -27.69 -32.11 -2.28
C GLY B 386 -28.92 -32.37 -1.42
N LEU B 387 -28.94 -33.50 -0.72
CA LEU B 387 -30.04 -33.83 0.17
C LEU B 387 -30.02 -32.99 1.44
N VAL B 388 -28.82 -32.63 1.90
CA VAL B 388 -28.69 -31.76 3.06
C VAL B 388 -29.16 -30.37 2.67
N ALA B 389 -28.83 -29.93 1.45
CA ALA B 389 -29.31 -28.64 0.98
C ALA B 389 -30.84 -28.64 1.05
N LEU B 390 -31.45 -29.54 0.30
CA LEU B 390 -32.90 -29.64 0.21
C LEU B 390 -33.54 -29.87 1.56
N GLY B 391 -32.95 -30.79 2.32
CA GLY B 391 -33.44 -31.16 3.62
C GLY B 391 -33.72 -29.91 4.42
N PHE B 392 -32.67 -29.14 4.66
CA PHE B 392 -32.77 -27.94 5.48
C PHE B 392 -33.47 -26.77 4.78
N THR B 393 -33.49 -26.77 3.45
CA THR B 393 -34.26 -25.77 2.71
C THR B 393 -35.73 -25.93 3.08
N LEU B 394 -36.19 -27.19 3.06
CA LEU B 394 -37.57 -27.53 3.36
C LEU B 394 -37.88 -27.46 4.84
N ILE B 395 -36.89 -27.80 5.67
CA ILE B 395 -37.02 -27.61 7.11
C ILE B 395 -37.41 -26.15 7.33
N SER B 396 -36.71 -25.25 6.64
CA SER B 396 -36.81 -23.81 6.90
C SER B 396 -38.08 -23.14 6.36
N VAL B 397 -39.04 -23.91 5.86
CA VAL B 397 -40.35 -23.36 5.49
C VAL B 397 -41.23 -23.28 6.76
N PHE B 398 -40.93 -24.14 7.72
CA PHE B 398 -41.61 -24.16 9.02
C PHE B 398 -40.81 -23.45 10.10
N THR B 399 -39.51 -23.29 9.90
CA THR B 399 -38.61 -22.85 10.97
C THR B 399 -38.47 -21.35 10.97
N LEU B 400 -38.22 -20.78 9.79
CA LEU B 400 -37.97 -19.36 9.67
C LEU B 400 -39.21 -18.53 9.98
N SER B 401 -39.11 -17.66 10.99
CA SER B 401 -40.19 -16.75 11.32
C SER B 401 -40.49 -15.76 10.19
N GLY B 402 -41.75 -15.68 9.81
CA GLY B 402 -42.20 -14.77 8.76
C GLY B 402 -43.42 -15.30 8.02
N PRO B 403 -43.58 -14.92 6.74
CA PRO B 403 -44.70 -15.41 5.92
C PRO B 403 -44.50 -16.88 5.55
N GLY B 404 -45.01 -17.35 4.42
CA GLY B 404 -44.72 -18.70 3.96
C GLY B 404 -44.74 -18.77 2.44
N PRO B 405 -44.25 -19.88 1.87
CA PRO B 405 -44.44 -20.10 0.43
C PRO B 405 -45.93 -20.27 0.13
N LEU B 406 -46.65 -20.85 1.09
CA LEU B 406 -48.10 -20.99 1.03
C LEU B 406 -48.85 -19.65 1.04
N SER B 407 -48.23 -18.61 1.57
CA SER B 407 -48.80 -17.26 1.58
C SER B 407 -48.72 -16.59 0.20
N LEU B 408 -47.77 -17.03 -0.62
CA LEU B 408 -47.65 -16.57 -2.00
C LEU B 408 -48.73 -17.21 -2.85
N LEU B 409 -48.98 -18.49 -2.60
CA LEU B 409 -49.97 -19.27 -3.34
C LEU B 409 -51.39 -18.77 -3.10
N ARG B 410 -51.64 -18.24 -1.91
CA ARG B 410 -52.97 -17.75 -1.54
C ARG B 410 -53.40 -16.59 -2.43
C1 YIO C . 17.05 17.30 -1.04
C2 YIO C . 17.38 18.62 -0.37
C3 YIO C . 16.23 19.59 -0.42
C4 YIO C . 15.73 19.69 -1.85
C5 YIO C . 15.48 18.30 -2.48
C6 YIO C . 14.97 18.32 -3.92
O2 YIO C . 17.75 18.37 1.00
O3 YIO C . 16.76 20.83 0.05
O4 YIO C . 16.73 20.41 -2.55
O5 YIO C . 16.65 17.49 -2.39
O6 YIO C . 15.15 17.03 -4.52
S1 YIO C . 18.54 16.36 -0.97
H1 YIO C . 16.26 16.79 -0.47
H2 YIO C . 18.23 19.07 -0.89
H3 YIO C . 15.42 19.24 0.24
H4 YIO C . 14.78 20.24 -1.86
H5 YIO C . 14.70 17.81 -1.87
HO6 YIO C . 14.76 17.03 -5.41
HA YIO C . 18.03 19.20 1.42
HB YIO C . 16.08 21.52 -0.04
HC YIO C . 16.51 20.43 -3.50
H61C YIO C . 15.52 19.07 -4.49
H62C YIO C . 13.91 18.58 -3.93
C1 GAL C . 18.09 14.69 -0.67
C2 GAL C . 19.30 13.84 -1.01
C3 GAL C . 19.03 12.40 -0.60
C4 GAL C . 18.66 12.34 0.89
C5 GAL C . 17.49 13.26 1.20
C6 GAL C . 17.25 13.37 2.71
O2 GAL C . 19.60 13.90 -2.41
O3 GAL C . 20.19 11.59 -0.84
O4 GAL C . 19.79 12.73 1.66
O5 GAL C . 17.73 14.58 0.70
O6 GAL C . 16.64 12.18 3.20
H1 GAL C . 17.25 14.39 -1.32
H2 GAL C . 20.16 14.20 -0.43
H3 GAL C . 18.19 12.01 -1.18
H4 GAL C . 18.37 11.31 1.13
H5 GAL C . 16.59 12.86 0.73
H61 GAL C . 16.59 14.23 2.91
H62 GAL C . 18.20 13.53 3.23
HO2 GAL C . 19.69 14.84 -2.67
HO3 GAL C . 20.38 11.57 -1.78
HO4 GAL C . 20.52 12.10 1.53
HO6 GAL C . 16.56 12.22 4.16
C1 YIO D . -20.11 -13.12 -4.64
C2 YIO D . -20.41 -14.44 -5.35
C3 YIO D . -19.74 -14.46 -6.71
C4 YIO D . -20.18 -13.24 -7.47
C5 YIO D . -19.80 -11.99 -6.68
C6 YIO D . -20.02 -10.69 -7.47
O2 YIO D . -19.95 -15.52 -4.54
O3 YIO D . -20.11 -15.66 -7.41
O4 YIO D . -21.60 -13.30 -7.62
O5 YIO D . -20.49 -11.99 -5.43
O6 YIO D . -20.14 -9.58 -6.59
S1 YIO D . -21.01 -13.18 -3.13
H1 YIO D . -19.03 -13.09 -4.43
H2 YIO D . -21.50 -14.52 -5.50
H3 YIO D . -18.66 -14.43 -6.57
H4 YIO D . -19.69 -13.21 -8.45
H5 YIO D . -18.71 -12.06 -6.48
HO6 YIO D . -20.20 -8.76 -7.10
HA YIO D . -20.21 -16.37 -4.94
HB YIO D . -19.75 -15.63 -8.31
HC YIO D . -21.93 -12.48 -8.03
H61C YIO D . -20.92 -10.78 -8.08
H62C YIO D . -19.17 -10.53 -8.14
C1 GAL D . -19.99 -12.55 -1.83
C2 GAL D . -20.89 -12.16 -0.67
C3 GAL D . -20.09 -11.87 0.59
C4 GAL D . -19.19 -13.04 0.88
C5 GAL D . -18.28 -13.28 -0.31
C6 GAL D . -17.39 -14.46 -0.01
O2 GAL D . -21.63 -11.00 -1.03
O3 GAL D . -20.93 -11.69 1.74
O4 GAL D . -19.99 -14.21 1.09
O5 GAL D . -19.05 -13.56 -1.49
O6 GAL D . -16.34 -14.04 0.87
H1 GAL D . -19.46 -11.66 -2.20
H2 GAL D . -21.58 -12.99 -0.46
H3 GAL D . -19.48 -10.97 0.43
H4 GAL D . -18.58 -12.83 1.76
H5 GAL D . -17.66 -12.39 -0.48
H61 GAL D . -16.95 -14.85 -0.94
H62 GAL D . -17.96 -15.26 0.46
HO2 GAL D . -22.09 -11.16 -1.88
HO3 GAL D . -21.47 -10.89 1.62
HO4 GAL D . -20.52 -14.10 1.89
HO6 GAL D . -15.80 -14.80 1.13
#